data_5M15
#
_entry.id   5M15
#
_cell.length_a   57.030
_cell.length_b   57.780
_cell.length_c   286.530
_cell.angle_alpha   90.00
_cell.angle_beta   90.00
_cell.angle_gamma   90.00
#
_symmetry.space_group_name_H-M   'P 21 21 21'
#
loop_
_entity.id
_entity.type
_entity.pdbx_description
1 polymer 'Maltose-binding periplasmic protein'
2 polymer 'Synthetic nanobody L2_D09, (a-MBP#3)'
3 water water
#
loop_
_entity_poly.entity_id
_entity_poly.type
_entity_poly.pdbx_seq_one_letter_code
_entity_poly.pdbx_strand_id
1 'polypeptide(L)'
;GPSKIEEGKLVIWINGDKGYNGLAEVGKKFEKDTGIKVTVEHPDKLEEKFPQVAATGDGPDIIFWAHDRFGGYAQSGLLA
EITPDKAFQDKLYPFTWDAVRYNGKLIAYPIAVEALSLIYNKDLLPNPPKTWEEIPALDKELKAKGKSALMFNLQEPYFT
WPLIAADGGYAFKYENGKYDIKDVGVDNAGAKAGLTFLVDLIKNKHMNADTDYSIAEAAFNKGETAMTINGPWAWSNIDT
SKVNYGVTVLPTFKGQPSKPFVGVLSAGINAASPNKELAKEFLENYLLTDEGLEAVNKDKPLGAVALKSYEEELAKDPRI
AATMENAQKGEIMPNIPQMSAFWYAVRTAVINAASGRQTVDEALKDAQTPGSA
;
A,B
2 'polypeptide(L)'
;GPSQVQLVESGGGSVQAGGSLRLSCAASGKIHEIGYLGWFRQAPGKEREGVAALMTFQGQTYYADSVKGRFTVSLDNAKN
TVYLQMNSLKPEDTALYYCAAAYWGKQSPLISWDYSYWGQGTQVTVSA
;
C,D
#
# COMPACT_ATOMS: atom_id res chain seq x y z
N LYS A 4 -36.13 5.96 14.60
CA LYS A 4 -36.41 6.28 13.21
C LYS A 4 -35.36 7.23 12.66
N ILE A 5 -35.40 7.47 11.35
CA ILE A 5 -34.38 8.29 10.69
C ILE A 5 -34.66 9.76 10.96
N GLU A 6 -33.60 10.49 11.28
CA GLU A 6 -33.71 11.92 11.54
C GLU A 6 -34.13 12.66 10.28
N GLU A 7 -35.04 13.62 10.44
CA GLU A 7 -35.50 14.44 9.34
C GLU A 7 -34.64 15.70 9.24
N GLY A 8 -34.38 16.13 8.00
CA GLY A 8 -33.61 17.35 7.81
C GLY A 8 -32.11 17.17 7.85
N LYS A 9 -31.61 15.96 7.62
CA LYS A 9 -30.19 15.72 7.45
C LYS A 9 -30.03 14.41 6.70
N LEU A 10 -28.79 14.12 6.29
CA LEU A 10 -28.49 12.94 5.50
C LEU A 10 -27.45 12.08 6.21
N VAL A 11 -27.79 10.80 6.41
CA VAL A 11 -26.85 9.79 6.89
C VAL A 11 -26.55 8.87 5.73
N ILE A 12 -25.27 8.64 5.48
CA ILE A 12 -24.81 7.87 4.32
C ILE A 12 -23.91 6.75 4.80
N TRP A 13 -24.14 5.54 4.27
CA TRP A 13 -23.32 4.38 4.58
C TRP A 13 -22.64 3.90 3.30
N ILE A 14 -21.32 3.75 3.37
CA ILE A 14 -20.52 3.23 2.26
C ILE A 14 -19.43 2.36 2.87
N ASN A 15 -19.04 1.31 2.14
CA ASN A 15 -18.10 0.35 2.68
C ASN A 15 -16.75 0.99 2.96
N GLY A 16 -15.99 0.37 3.85
CA GLY A 16 -14.72 0.91 4.30
C GLY A 16 -13.61 0.89 3.26
N ASP A 17 -13.78 0.17 2.16
CA ASP A 17 -12.77 0.12 1.11
C ASP A 17 -12.96 1.20 0.06
N LYS A 18 -13.94 2.09 0.23
CA LYS A 18 -14.22 3.15 -0.71
C LYS A 18 -13.68 4.50 -0.20
N GLY A 19 -13.76 5.50 -1.07
CA GLY A 19 -13.30 6.83 -0.72
C GLY A 19 -14.29 7.61 0.13
N TYR A 20 -14.52 7.15 1.37
CA TYR A 20 -15.54 7.78 2.19
C TYR A 20 -15.13 9.17 2.66
N ASN A 21 -13.83 9.44 2.77
CA ASN A 21 -13.39 10.78 3.13
C ASN A 21 -13.66 11.76 1.99
N GLY A 22 -13.51 11.31 0.74
CA GLY A 22 -13.91 12.13 -0.38
C GLY A 22 -15.40 12.34 -0.45
N LEU A 23 -16.18 11.29 -0.14
CA LEU A 23 -17.63 11.44 -0.10
C LEU A 23 -18.05 12.45 0.97
N ALA A 24 -17.39 12.40 2.13
CA ALA A 24 -17.62 13.42 3.16
C ALA A 24 -17.36 14.81 2.61
N GLU A 25 -16.36 14.96 1.74
CA GLU A 25 -16.08 16.25 1.12
C GLU A 25 -17.25 16.72 0.27
N VAL A 26 -17.90 15.79 -0.45
CA VAL A 26 -19.10 16.13 -1.20
C VAL A 26 -20.21 16.53 -0.25
N GLY A 27 -20.35 15.82 0.87
CA GLY A 27 -21.33 16.20 1.87
C GLY A 27 -21.09 17.60 2.42
N LYS A 28 -19.82 17.99 2.56
CA LYS A 28 -19.53 19.32 3.10
C LYS A 28 -19.89 20.41 2.10
N LYS A 29 -19.74 20.17 0.80
CA LYS A 29 -20.21 21.15 -0.16
C LYS A 29 -21.72 21.22 -0.18
N PHE A 30 -22.38 20.06 -0.08
CA PHE A 30 -23.84 20.05 0.03
C PHE A 30 -24.28 20.90 1.22
N GLU A 31 -23.68 20.69 2.39
CA GLU A 31 -24.06 21.47 3.56
C GLU A 31 -23.82 22.96 3.35
N LYS A 32 -22.75 23.31 2.64
CA LYS A 32 -22.42 24.73 2.43
C LYS A 32 -23.45 25.43 1.54
N ASP A 33 -24.18 24.70 0.71
CA ASP A 33 -25.21 25.28 -0.12
C ASP A 33 -26.60 25.21 0.48
N THR A 34 -26.84 24.28 1.41
CA THR A 34 -28.19 23.95 1.84
C THR A 34 -28.39 23.94 3.35
N GLY A 35 -27.32 23.96 4.15
CA GLY A 35 -27.46 23.86 5.58
C GLY A 35 -27.80 22.49 6.09
N ILE A 36 -28.01 21.52 5.21
CA ILE A 36 -28.28 20.14 5.61
C ILE A 36 -26.94 19.48 5.92
N LYS A 37 -26.76 19.09 7.18
CA LYS A 37 -25.54 18.37 7.52
C LYS A 37 -25.58 16.97 6.92
N VAL A 38 -24.44 16.51 6.44
CA VAL A 38 -24.31 15.19 5.86
C VAL A 38 -23.18 14.48 6.60
N THR A 39 -23.46 13.30 7.14
CA THR A 39 -22.47 12.52 7.85
C THR A 39 -22.36 11.15 7.19
N VAL A 40 -21.15 10.80 6.80
CA VAL A 40 -20.85 9.54 6.13
C VAL A 40 -20.21 8.60 7.14
N GLU A 41 -20.73 7.38 7.22
CA GLU A 41 -20.16 6.33 8.05
C GLU A 41 -19.83 5.11 7.20
N HIS A 42 -18.93 4.27 7.70
CA HIS A 42 -18.52 3.05 7.01
C HIS A 42 -18.56 1.89 8.00
N PRO A 43 -19.77 1.43 8.34
CA PRO A 43 -19.90 0.41 9.40
C PRO A 43 -19.36 -0.95 8.96
N ASP A 44 -18.95 -1.73 9.96
CA ASP A 44 -18.59 -3.12 9.72
C ASP A 44 -19.80 -3.91 9.25
N LYS A 45 -19.54 -4.98 8.50
CA LYS A 45 -20.58 -5.92 8.08
C LYS A 45 -21.73 -5.19 7.40
N LEU A 46 -21.38 -4.20 6.58
CA LEU A 46 -22.37 -3.30 5.98
C LEU A 46 -23.37 -4.05 5.10
N GLU A 47 -22.94 -5.12 4.43
CA GLU A 47 -23.82 -5.81 3.49
C GLU A 47 -25.05 -6.36 4.19
N GLU A 48 -24.89 -6.95 5.38
CA GLU A 48 -26.02 -7.49 6.12
C GLU A 48 -26.59 -6.51 7.14
N LYS A 49 -25.80 -5.53 7.58
CA LYS A 49 -26.29 -4.59 8.59
C LYS A 49 -27.42 -3.72 8.03
N PHE A 50 -27.32 -3.32 6.77
CA PHE A 50 -28.38 -2.50 6.19
C PHE A 50 -29.73 -3.23 6.13
N PRO A 51 -29.84 -4.43 5.56
CA PRO A 51 -31.16 -5.09 5.55
C PRO A 51 -31.74 -5.30 6.94
N GLN A 52 -30.89 -5.55 7.94
CA GLN A 52 -31.37 -5.73 9.30
C GLN A 52 -32.12 -4.50 9.79
N VAL A 53 -31.44 -3.35 9.82
CA VAL A 53 -32.03 -2.16 10.41
C VAL A 53 -32.94 -1.41 9.44
N ALA A 54 -32.84 -1.66 8.14
CA ALA A 54 -33.79 -1.08 7.21
C ALA A 54 -35.15 -1.77 7.29
N ALA A 55 -35.15 -3.07 7.60
CA ALA A 55 -36.40 -3.77 7.85
C ALA A 55 -37.07 -3.26 9.13
N THR A 56 -36.27 -2.84 10.11
CA THR A 56 -36.81 -2.23 11.33
C THR A 56 -37.41 -0.85 11.06
N GLY A 57 -36.98 -0.20 9.97
CA GLY A 57 -37.37 1.16 9.69
C GLY A 57 -36.34 2.20 10.04
N ASP A 58 -35.12 1.78 10.37
CA ASP A 58 -34.03 2.67 10.77
C ASP A 58 -32.94 2.65 9.71
N GLY A 59 -31.76 3.16 10.08
CA GLY A 59 -30.61 3.11 9.23
C GLY A 59 -30.35 4.39 8.47
N PRO A 60 -29.52 4.30 7.44
CA PRO A 60 -29.10 5.49 6.71
C PRO A 60 -30.13 5.92 5.68
N ASP A 61 -30.08 7.19 5.32
CA ASP A 61 -30.91 7.68 4.22
C ASP A 61 -30.49 7.03 2.90
N ILE A 62 -29.19 6.78 2.74
CA ILE A 62 -28.67 6.26 1.48
C ILE A 62 -27.58 5.25 1.78
N ILE A 63 -27.60 4.14 1.02
CA ILE A 63 -26.65 3.05 1.18
C ILE A 63 -25.92 2.88 -0.14
N PHE A 64 -24.58 2.82 -0.07
CA PHE A 64 -23.72 2.56 -1.22
C PHE A 64 -23.32 1.09 -1.23
N TRP A 65 -23.51 0.42 -2.36
CA TRP A 65 -23.07 -0.96 -2.50
C TRP A 65 -23.15 -1.37 -3.96
N ALA A 66 -22.53 -2.51 -4.26
CA ALA A 66 -22.68 -3.14 -5.57
C ALA A 66 -24.15 -3.33 -5.91
N HIS A 67 -24.45 -3.22 -7.20
CA HIS A 67 -25.84 -3.26 -7.66
C HIS A 67 -26.51 -4.60 -7.39
N ASP A 68 -25.74 -5.70 -7.46
CA ASP A 68 -26.35 -7.01 -7.51
C ASP A 68 -27.09 -7.34 -6.21
N ARG A 69 -26.61 -6.85 -5.08
CA ARG A 69 -27.30 -7.09 -3.83
C ARG A 69 -28.51 -6.18 -3.64
N PHE A 70 -28.60 -5.09 -4.39
CA PHE A 70 -29.76 -4.20 -4.29
C PHE A 70 -31.05 -4.87 -4.75
N GLY A 71 -30.96 -5.90 -5.59
CA GLY A 71 -32.16 -6.61 -6.00
C GLY A 71 -32.88 -7.25 -4.84
N GLY A 72 -32.12 -7.77 -3.87
CA GLY A 72 -32.74 -8.30 -2.66
C GLY A 72 -33.31 -7.22 -1.78
N TYR A 73 -32.60 -6.10 -1.65
CA TYR A 73 -33.12 -4.96 -0.90
C TYR A 73 -34.46 -4.51 -1.48
N ALA A 74 -34.51 -4.31 -2.80
CA ALA A 74 -35.74 -3.86 -3.43
C ALA A 74 -36.84 -4.89 -3.31
N GLN A 75 -36.49 -6.18 -3.28
CA GLN A 75 -37.50 -7.22 -3.11
C GLN A 75 -38.11 -7.15 -1.71
N SER A 76 -37.31 -6.81 -0.71
CA SER A 76 -37.79 -6.65 0.65
C SER A 76 -38.47 -5.31 0.89
N GLY A 77 -38.66 -4.51 -0.15
CA GLY A 77 -39.25 -3.19 0.03
C GLY A 77 -38.39 -2.20 0.76
N LEU A 78 -37.08 -2.41 0.77
CA LEU A 78 -36.15 -1.59 1.52
C LEU A 78 -35.64 -0.39 0.74
N LEU A 79 -35.98 -0.27 -0.54
CA LEU A 79 -35.43 0.77 -1.40
C LEU A 79 -36.56 1.55 -2.06
N ALA A 80 -36.46 2.88 -1.99
CA ALA A 80 -37.38 3.73 -2.71
C ALA A 80 -37.07 3.70 -4.21
N GLU A 81 -38.13 3.80 -5.01
CA GLU A 81 -37.93 4.05 -6.44
C GLU A 81 -37.44 5.47 -6.63
N ILE A 82 -36.40 5.65 -7.43
CA ILE A 82 -35.85 6.97 -7.69
C ILE A 82 -36.47 7.51 -8.97
N THR A 83 -36.50 8.83 -9.08
CA THR A 83 -37.28 9.52 -10.11
C THR A 83 -36.43 10.53 -10.88
N PRO A 84 -35.36 10.09 -11.55
CA PRO A 84 -34.57 11.01 -12.35
C PRO A 84 -35.22 11.26 -13.71
N ASP A 85 -35.08 12.49 -14.20
CA ASP A 85 -35.64 12.82 -15.50
C ASP A 85 -34.62 12.51 -16.61
N LYS A 86 -35.10 12.64 -17.85
CA LYS A 86 -34.29 12.23 -19.00
C LYS A 86 -32.97 12.99 -19.06
N ALA A 87 -32.99 14.28 -18.74
CA ALA A 87 -31.77 15.09 -18.81
C ALA A 87 -30.70 14.55 -17.88
N PHE A 88 -31.09 14.02 -16.73
CA PHE A 88 -30.10 13.41 -15.84
C PHE A 88 -29.76 11.99 -16.29
N GLN A 89 -30.75 11.20 -16.67
CA GLN A 89 -30.49 9.84 -17.13
C GLN A 89 -29.53 9.83 -18.31
N ASP A 90 -29.65 10.83 -19.19
CA ASP A 90 -28.73 10.93 -20.32
C ASP A 90 -27.30 11.20 -19.88
N LYS A 91 -27.07 11.64 -18.64
CA LYS A 91 -25.72 11.93 -18.17
C LYS A 91 -24.91 10.68 -17.87
N LEU A 92 -25.55 9.53 -17.75
CA LEU A 92 -24.87 8.29 -17.43
C LEU A 92 -24.92 7.34 -18.62
N TYR A 93 -23.95 6.44 -18.67
CA TYR A 93 -23.92 5.44 -19.73
C TYR A 93 -25.16 4.55 -19.61
N PRO A 94 -25.87 4.31 -20.71
CA PRO A 94 -27.18 3.64 -20.60
C PRO A 94 -27.13 2.28 -19.93
N PHE A 95 -26.05 1.51 -20.12
CA PHE A 95 -26.02 0.16 -19.56
C PHE A 95 -25.95 0.15 -18.04
N THR A 96 -25.47 1.25 -17.43
CA THR A 96 -25.43 1.29 -15.97
C THR A 96 -26.82 1.44 -15.37
N TRP A 97 -27.76 2.04 -16.12
CA TRP A 97 -29.14 2.07 -15.65
C TRP A 97 -29.76 0.69 -15.63
N ASP A 98 -29.36 -0.19 -16.56
CA ASP A 98 -29.87 -1.55 -16.56
C ASP A 98 -29.48 -2.30 -15.30
N ALA A 99 -28.34 -1.94 -14.68
CA ALA A 99 -27.90 -2.62 -13.47
C ALA A 99 -28.71 -2.22 -12.24
N VAL A 100 -29.39 -1.07 -12.29
CA VAL A 100 -30.12 -0.58 -11.12
C VAL A 100 -31.62 -0.66 -11.34
N ARG A 101 -32.07 -1.49 -12.27
CA ARG A 101 -33.49 -1.78 -12.46
C ARG A 101 -33.83 -3.09 -11.76
N TYR A 102 -34.94 -3.08 -11.02
CA TYR A 102 -35.47 -4.28 -10.40
C TYR A 102 -36.98 -4.25 -10.51
N ASN A 103 -37.56 -5.31 -11.09
CA ASN A 103 -38.99 -5.37 -11.36
C ASN A 103 -39.44 -4.19 -12.22
N GLY A 104 -38.57 -3.79 -13.14
CA GLY A 104 -38.88 -2.71 -14.07
C GLY A 104 -38.82 -1.31 -13.50
N LYS A 105 -38.31 -1.15 -12.27
CA LYS A 105 -38.26 0.16 -11.64
C LYS A 105 -36.84 0.45 -11.16
N LEU A 106 -36.42 1.70 -11.32
CA LEU A 106 -35.11 2.13 -10.84
C LEU A 106 -35.11 2.16 -9.31
N ILE A 107 -34.10 1.54 -8.71
CA ILE A 107 -34.01 1.47 -7.25
C ILE A 107 -32.69 2.02 -6.72
N ALA A 108 -31.89 2.66 -7.57
CA ALA A 108 -30.58 3.15 -7.13
C ALA A 108 -29.94 3.99 -8.25
N TYR A 109 -28.95 4.79 -7.85
CA TYR A 109 -28.16 5.59 -8.78
C TYR A 109 -26.84 4.91 -9.05
N PRO A 110 -26.49 4.60 -10.30
CA PRO A 110 -25.17 4.03 -10.57
C PRO A 110 -24.05 5.05 -10.39
N ILE A 111 -22.93 4.59 -9.83
CA ILE A 111 -21.83 5.49 -9.50
C ILE A 111 -20.56 5.07 -10.27
N ALA A 112 -20.13 3.83 -10.07
CA ALA A 112 -18.88 3.34 -10.65
C ALA A 112 -19.11 1.98 -11.31
N VAL A 113 -18.17 1.60 -12.17
CA VAL A 113 -18.29 0.40 -13.00
C VAL A 113 -17.00 -0.41 -12.90
N GLU A 114 -17.14 -1.73 -12.83
CA GLU A 114 -16.02 -2.62 -12.59
C GLU A 114 -16.17 -3.91 -13.41
N ALA A 115 -15.08 -4.34 -14.02
CA ALA A 115 -15.09 -5.58 -14.79
C ALA A 115 -13.66 -6.07 -14.98
N LEU A 116 -13.55 -7.36 -15.31
CA LEU A 116 -12.26 -7.96 -15.64
C LEU A 116 -11.67 -7.35 -16.91
N SER A 117 -10.35 -7.34 -16.99
CA SER A 117 -9.65 -6.91 -18.19
C SER A 117 -8.49 -7.85 -18.45
N LEU A 118 -7.89 -7.70 -19.63
CA LEU A 118 -6.68 -8.43 -19.97
C LEU A 118 -5.47 -7.62 -19.51
N ILE A 119 -4.67 -8.21 -18.63
CA ILE A 119 -3.50 -7.55 -18.05
C ILE A 119 -2.26 -8.25 -18.62
N TYR A 120 -1.48 -7.53 -19.41
CA TYR A 120 -0.35 -8.11 -20.10
C TYR A 120 0.96 -7.47 -19.69
N ASN A 121 2.02 -8.28 -19.68
CA ASN A 121 3.37 -7.83 -19.37
C ASN A 121 3.96 -7.19 -20.62
N LYS A 122 4.09 -5.86 -20.62
CA LYS A 122 4.63 -5.16 -21.78
C LYS A 122 6.01 -5.68 -22.17
N ASP A 123 6.82 -6.07 -21.19
CA ASP A 123 8.15 -6.59 -21.47
C ASP A 123 8.06 -7.92 -22.21
N LEU A 124 7.42 -8.92 -21.59
CA LEU A 124 7.37 -10.25 -22.17
C LEU A 124 6.54 -10.32 -23.45
N LEU A 125 5.61 -9.38 -23.65
CA LEU A 125 4.93 -9.28 -24.94
C LEU A 125 4.41 -7.87 -25.13
N PRO A 126 4.85 -7.18 -26.18
CA PRO A 126 4.50 -5.77 -26.37
C PRO A 126 3.22 -5.52 -27.14
N ASN A 127 2.69 -6.54 -27.81
CA ASN A 127 1.45 -6.41 -28.58
C ASN A 127 0.48 -7.47 -28.10
N PRO A 128 -0.65 -7.09 -27.53
CA PRO A 128 -1.56 -8.07 -26.94
C PRO A 128 -2.32 -8.81 -28.03
N PRO A 129 -2.43 -10.13 -27.94
CA PRO A 129 -3.29 -10.86 -28.88
C PRO A 129 -4.74 -10.43 -28.72
N LYS A 130 -5.37 -10.13 -29.85
CA LYS A 130 -6.76 -9.71 -29.90
C LYS A 130 -7.72 -10.89 -29.98
N THR A 131 -7.24 -12.11 -29.73
CA THR A 131 -8.01 -13.30 -30.02
C THR A 131 -7.56 -14.43 -29.09
N TRP A 132 -8.52 -15.18 -28.55
CA TRP A 132 -8.21 -16.31 -27.66
C TRP A 132 -7.47 -17.42 -28.37
N GLU A 133 -7.63 -17.54 -29.68
CA GLU A 133 -7.03 -18.65 -30.43
C GLU A 133 -5.53 -18.49 -30.62
N GLU A 134 -5.02 -17.25 -30.59
CA GLU A 134 -3.59 -17.03 -30.76
C GLU A 134 -2.77 -17.49 -29.57
N ILE A 135 -3.40 -17.68 -28.42
CA ILE A 135 -2.68 -17.94 -27.18
C ILE A 135 -1.98 -19.29 -27.21
N PRO A 136 -2.56 -20.35 -27.77
CA PRO A 136 -1.78 -21.59 -27.94
C PRO A 136 -0.46 -21.39 -28.68
N ALA A 137 -0.43 -20.55 -29.71
CA ALA A 137 0.81 -20.29 -30.42
C ALA A 137 1.88 -19.65 -29.53
N LEU A 138 1.62 -18.43 -29.07
CA LEU A 138 2.66 -17.70 -28.35
C LEU A 138 2.95 -18.31 -26.98
N ASP A 139 2.05 -19.15 -26.45
CA ASP A 139 2.43 -19.92 -25.27
C ASP A 139 3.59 -20.86 -25.57
N LYS A 140 3.69 -21.32 -26.82
CA LYS A 140 4.81 -22.18 -27.19
C LYS A 140 6.14 -21.45 -27.08
N GLU A 141 6.24 -20.27 -27.72
CA GLU A 141 7.49 -19.52 -27.70
C GLU A 141 7.93 -19.22 -26.27
N LEU A 142 7.00 -18.77 -25.43
CA LEU A 142 7.34 -18.42 -24.05
C LEU A 142 7.75 -19.65 -23.27
N LYS A 143 7.13 -20.80 -23.54
CA LYS A 143 7.49 -22.01 -22.83
C LYS A 143 8.87 -22.52 -23.26
N ALA A 144 9.26 -22.27 -24.51
CA ALA A 144 10.64 -22.52 -24.89
C ALA A 144 11.59 -21.60 -24.14
N LYS A 145 11.20 -20.32 -23.98
CA LYS A 145 12.05 -19.36 -23.28
C LYS A 145 12.05 -19.58 -21.78
N GLY A 146 11.07 -20.31 -21.24
CA GLY A 146 11.02 -20.60 -19.82
C GLY A 146 9.84 -19.99 -19.09
N LYS A 147 8.95 -19.30 -19.77
CA LYS A 147 7.78 -18.68 -19.16
C LYS A 147 6.52 -19.35 -19.65
N SER A 148 5.37 -18.81 -19.26
CA SER A 148 4.08 -19.22 -19.79
C SER A 148 3.35 -17.98 -20.28
N ALA A 149 2.42 -18.18 -21.22
CA ALA A 149 1.70 -17.04 -21.79
C ALA A 149 0.65 -16.49 -20.84
N LEU A 150 -0.46 -17.21 -20.69
CA LEU A 150 -1.60 -16.75 -19.92
C LEU A 150 -1.78 -17.61 -18.67
N MET A 151 -2.07 -16.95 -17.56
CA MET A 151 -2.39 -17.66 -16.32
C MET A 151 -3.39 -16.84 -15.53
N PHE A 152 -4.55 -17.42 -15.23
CA PHE A 152 -5.56 -16.74 -14.43
C PHE A 152 -6.33 -17.77 -13.63
N ASN A 153 -7.14 -17.28 -12.69
CA ASN A 153 -7.85 -18.12 -11.74
C ASN A 153 -8.90 -18.97 -12.45
N LEU A 154 -8.62 -20.26 -12.59
CA LEU A 154 -9.56 -21.18 -13.21
C LEU A 154 -10.54 -21.80 -12.22
N GLN A 155 -10.35 -21.57 -10.92
CA GLN A 155 -11.21 -22.18 -9.91
C GLN A 155 -12.53 -21.43 -9.72
N GLU A 156 -12.64 -20.20 -10.21
CA GLU A 156 -13.81 -19.36 -9.95
C GLU A 156 -14.52 -19.02 -11.26
N PRO A 157 -15.82 -19.31 -11.37
CA PRO A 157 -16.57 -18.97 -12.61
C PRO A 157 -16.42 -17.51 -13.03
N TYR A 158 -16.35 -16.58 -12.07
CA TYR A 158 -16.21 -15.17 -12.38
C TYR A 158 -15.09 -14.90 -13.37
N PHE A 159 -13.99 -15.64 -13.25
CA PHE A 159 -12.83 -15.44 -14.12
C PHE A 159 -12.93 -16.21 -15.43
N THR A 160 -13.60 -17.36 -15.44
CA THR A 160 -13.72 -18.14 -16.67
C THR A 160 -14.95 -17.77 -17.50
N TRP A 161 -15.93 -17.12 -16.87
CA TRP A 161 -17.14 -16.71 -17.58
C TRP A 161 -16.90 -15.78 -18.77
N PRO A 162 -15.91 -14.87 -18.78
CA PRO A 162 -15.75 -14.03 -19.98
C PRO A 162 -15.53 -14.82 -21.25
N LEU A 163 -14.79 -15.93 -21.17
CA LEU A 163 -14.60 -16.79 -22.33
C LEU A 163 -15.85 -17.60 -22.62
N ILE A 164 -16.42 -18.23 -21.59
CA ILE A 164 -17.54 -19.15 -21.78
C ILE A 164 -18.72 -18.44 -22.45
N ALA A 165 -19.00 -17.20 -22.03
CA ALA A 165 -20.17 -16.47 -22.49
C ALA A 165 -19.90 -15.60 -23.70
N ALA A 166 -18.67 -15.61 -24.24
CA ALA A 166 -18.35 -14.73 -25.35
C ALA A 166 -19.17 -15.07 -26.60
N ASP A 167 -19.41 -16.36 -26.83
CA ASP A 167 -20.09 -16.81 -28.04
C ASP A 167 -21.59 -17.01 -27.85
N GLY A 168 -22.13 -16.63 -26.69
CA GLY A 168 -23.58 -16.67 -26.55
C GLY A 168 -24.11 -17.08 -25.19
N GLY A 169 -23.24 -17.61 -24.33
CA GLY A 169 -23.67 -17.98 -23.00
C GLY A 169 -24.11 -16.78 -22.18
N TYR A 170 -24.95 -17.06 -21.18
CA TYR A 170 -25.41 -16.03 -20.26
C TYR A 170 -25.99 -16.69 -19.02
N ALA A 171 -26.06 -15.91 -17.93
CA ALA A 171 -26.58 -16.42 -16.67
C ALA A 171 -28.10 -16.50 -16.70
N PHE A 172 -28.76 -15.35 -16.82
CA PHE A 172 -30.21 -15.28 -16.96
C PHE A 172 -30.56 -14.24 -18.00
N LYS A 173 -31.56 -14.54 -18.83
CA LYS A 173 -31.94 -13.65 -19.92
C LYS A 173 -32.53 -12.35 -19.35
N TYR A 174 -31.90 -11.23 -19.67
CA TYR A 174 -32.34 -9.92 -19.23
C TYR A 174 -33.14 -9.23 -20.33
N GLU A 175 -34.26 -8.63 -19.96
CA GLU A 175 -35.14 -7.99 -20.93
C GLU A 175 -35.83 -6.81 -20.27
N ASN A 176 -35.55 -5.60 -20.77
CA ASN A 176 -36.09 -4.32 -20.30
C ASN A 176 -36.46 -4.30 -18.82
N GLY A 177 -35.46 -4.49 -17.96
CA GLY A 177 -35.63 -4.27 -16.54
C GLY A 177 -35.95 -5.49 -15.70
N LYS A 178 -36.04 -6.67 -16.29
CA LYS A 178 -36.33 -7.88 -15.53
C LYS A 178 -35.57 -9.06 -16.10
N TYR A 179 -35.21 -9.97 -15.21
CA TYR A 179 -34.53 -11.20 -15.59
C TYR A 179 -35.54 -12.33 -15.76
N ASP A 180 -35.34 -13.13 -16.80
CA ASP A 180 -36.17 -14.31 -17.05
C ASP A 180 -35.54 -15.48 -16.30
N ILE A 181 -36.08 -15.79 -15.12
CA ILE A 181 -35.53 -16.83 -14.26
C ILE A 181 -35.52 -18.19 -14.96
N LYS A 182 -36.37 -18.37 -15.97
CA LYS A 182 -36.47 -19.65 -16.66
C LYS A 182 -35.47 -19.79 -17.80
N ASP A 183 -35.07 -18.68 -18.42
CA ASP A 183 -34.15 -18.71 -19.56
C ASP A 183 -32.72 -18.59 -19.04
N VAL A 184 -32.02 -19.73 -18.98
CA VAL A 184 -30.63 -19.79 -18.53
C VAL A 184 -29.78 -20.21 -19.72
N GLY A 185 -28.64 -19.53 -19.91
CA GLY A 185 -27.81 -19.80 -21.06
C GLY A 185 -26.44 -20.37 -20.74
N VAL A 186 -26.38 -21.41 -19.92
CA VAL A 186 -25.12 -22.09 -19.65
C VAL A 186 -24.98 -23.38 -20.48
N ASP A 187 -26.03 -23.79 -21.18
CA ASP A 187 -26.02 -25.03 -21.94
C ASP A 187 -26.00 -24.83 -23.45
N ASN A 188 -26.16 -23.59 -23.93
CA ASN A 188 -26.30 -23.35 -25.36
C ASN A 188 -24.96 -23.56 -26.08
N ALA A 189 -25.01 -23.43 -27.40
CA ALA A 189 -23.82 -23.67 -28.22
C ALA A 189 -22.72 -22.66 -27.91
N GLY A 190 -23.08 -21.44 -27.54
CA GLY A 190 -22.07 -20.44 -27.21
C GLY A 190 -21.30 -20.79 -25.95
N ALA A 191 -21.99 -21.31 -24.92
CA ALA A 191 -21.31 -21.70 -23.69
C ALA A 191 -20.45 -22.94 -23.91
N LYS A 192 -20.95 -23.89 -24.69
CA LYS A 192 -20.20 -25.13 -24.93
C LYS A 192 -18.90 -24.86 -25.67
N ALA A 193 -18.90 -23.89 -26.58
CA ALA A 193 -17.70 -23.60 -27.36
C ALA A 193 -16.61 -22.98 -26.49
N GLY A 194 -16.96 -21.94 -25.72
CA GLY A 194 -15.97 -21.30 -24.88
C GLY A 194 -15.34 -22.25 -23.87
N LEU A 195 -16.15 -23.11 -23.27
CA LEU A 195 -15.63 -24.05 -22.28
C LEU A 195 -14.79 -25.13 -22.94
N THR A 196 -15.25 -25.66 -24.07
CA THR A 196 -14.45 -26.64 -24.80
C THR A 196 -13.09 -26.07 -25.17
N PHE A 197 -13.04 -24.80 -25.56
CA PHE A 197 -11.76 -24.17 -25.85
C PHE A 197 -10.94 -23.99 -24.58
N LEU A 198 -11.59 -23.62 -23.47
CA LEU A 198 -10.88 -23.52 -22.20
C LEU A 198 -10.27 -24.85 -21.80
N VAL A 199 -11.06 -25.93 -21.89
CA VAL A 199 -10.56 -27.26 -21.57
C VAL A 199 -9.51 -27.70 -22.59
N ASP A 200 -9.66 -27.29 -23.85
CA ASP A 200 -8.63 -27.59 -24.84
C ASP A 200 -7.30 -26.96 -24.47
N LEU A 201 -7.33 -25.74 -23.93
CA LEU A 201 -6.10 -25.10 -23.49
C LEU A 201 -5.39 -25.91 -22.42
N ILE A 202 -6.14 -26.63 -21.58
CA ILE A 202 -5.52 -27.47 -20.57
C ILE A 202 -5.02 -28.77 -21.18
N LYS A 203 -5.79 -29.34 -22.12
CA LYS A 203 -5.36 -30.58 -22.77
C LYS A 203 -4.10 -30.37 -23.57
N ASN A 204 -3.93 -29.20 -24.19
CA ASN A 204 -2.72 -28.86 -24.91
C ASN A 204 -1.61 -28.36 -23.99
N LYS A 205 -1.79 -28.46 -22.68
CA LYS A 205 -0.79 -28.08 -21.69
C LYS A 205 -0.44 -26.60 -21.78
N HIS A 206 -1.43 -25.78 -22.10
CA HIS A 206 -1.26 -24.33 -22.10
C HIS A 206 -1.68 -23.67 -20.79
N MET A 207 -2.51 -24.35 -20.00
CA MET A 207 -2.87 -23.92 -18.66
C MET A 207 -2.97 -25.14 -17.77
N ASN A 208 -2.73 -24.95 -16.47
CA ASN A 208 -2.89 -26.00 -15.49
C ASN A 208 -4.26 -25.87 -14.82
N ALA A 209 -4.98 -26.98 -14.73
CA ALA A 209 -6.34 -26.95 -14.20
C ALA A 209 -6.41 -26.53 -12.75
N ASP A 210 -5.28 -26.49 -12.03
CA ASP A 210 -5.25 -26.14 -10.62
C ASP A 210 -4.79 -24.72 -10.36
N THR A 211 -4.69 -23.89 -11.41
CA THR A 211 -4.28 -22.50 -11.22
C THR A 211 -5.41 -21.72 -10.55
N ASP A 212 -5.11 -21.09 -9.43
CA ASP A 212 -6.10 -20.28 -8.75
C ASP A 212 -5.66 -18.82 -8.77
N TYR A 213 -6.20 -18.03 -7.84
CA TYR A 213 -5.90 -16.61 -7.81
C TYR A 213 -4.46 -16.36 -7.40
N SER A 214 -4.04 -16.92 -6.25
CA SER A 214 -2.72 -16.65 -5.72
C SER A 214 -1.62 -17.17 -6.64
N ILE A 215 -1.84 -18.34 -7.24
CA ILE A 215 -0.83 -18.91 -8.13
C ILE A 215 -0.70 -18.06 -9.39
N ALA A 216 -1.83 -17.61 -9.95
CA ALA A 216 -1.76 -16.80 -11.16
C ALA A 216 -1.26 -15.39 -10.87
N GLU A 217 -1.56 -14.86 -9.68
CA GLU A 217 -1.06 -13.54 -9.31
C GLU A 217 0.43 -13.57 -9.05
N ALA A 218 0.90 -14.57 -8.28
CA ALA A 218 2.33 -14.73 -8.06
C ALA A 218 3.06 -14.94 -9.38
N ALA A 219 2.43 -15.64 -10.32
CA ALA A 219 3.04 -15.86 -11.62
C ALA A 219 3.21 -14.56 -12.39
N PHE A 220 2.19 -13.69 -12.35
CA PHE A 220 2.31 -12.43 -13.09
C PHE A 220 3.14 -11.40 -12.33
N ASN A 221 3.17 -11.48 -11.00
CA ASN A 221 3.93 -10.54 -10.19
C ASN A 221 5.34 -11.05 -9.88
N LYS A 222 5.78 -12.14 -10.51
CA LYS A 222 7.17 -12.62 -10.42
C LYS A 222 7.81 -12.83 -11.78
N GLY A 223 7.21 -12.34 -12.87
CA GLY A 223 7.80 -12.44 -14.19
C GLY A 223 7.57 -13.76 -14.90
N GLU A 224 6.98 -14.74 -14.24
CA GLU A 224 6.92 -16.09 -14.78
C GLU A 224 5.87 -16.25 -15.88
N THR A 225 4.90 -15.35 -15.97
CA THR A 225 3.87 -15.44 -17.00
C THR A 225 3.70 -14.08 -17.67
N ALA A 226 3.13 -14.11 -18.88
CA ALA A 226 3.01 -12.90 -19.68
C ALA A 226 1.64 -12.24 -19.62
N MET A 227 0.62 -12.95 -19.17
CA MET A 227 -0.71 -12.38 -19.06
C MET A 227 -1.42 -12.92 -17.84
N THR A 228 -2.38 -12.15 -17.35
CA THR A 228 -3.38 -12.63 -16.44
C THR A 228 -4.69 -11.93 -16.77
N ILE A 229 -5.76 -12.36 -16.13
CA ILE A 229 -7.06 -11.71 -16.24
C ILE A 229 -7.49 -11.34 -14.83
N ASN A 230 -7.61 -10.04 -14.57
CA ASN A 230 -7.95 -9.56 -13.23
C ASN A 230 -8.56 -8.17 -13.37
N GLY A 231 -8.98 -7.62 -12.23
CA GLY A 231 -9.67 -6.35 -12.22
C GLY A 231 -8.83 -5.25 -11.60
N PRO A 232 -9.42 -4.05 -11.49
CA PRO A 232 -8.65 -2.91 -10.93
C PRO A 232 -8.18 -3.13 -9.49
N TRP A 233 -8.84 -4.01 -8.73
CA TRP A 233 -8.39 -4.29 -7.36
C TRP A 233 -6.99 -4.89 -7.32
N ALA A 234 -6.55 -5.53 -8.40
CA ALA A 234 -5.23 -6.14 -8.44
C ALA A 234 -4.15 -5.20 -8.99
N TRP A 235 -4.53 -4.00 -9.44
CA TRP A 235 -3.54 -3.09 -10.02
C TRP A 235 -2.51 -2.64 -8.98
N SER A 236 -2.89 -2.64 -7.71
CA SER A 236 -2.01 -2.17 -6.64
C SER A 236 -0.98 -3.21 -6.21
N ASN A 237 -1.02 -4.41 -6.77
CA ASN A 237 0.10 -5.36 -6.61
C ASN A 237 1.08 -5.29 -7.76
N ILE A 238 0.63 -4.89 -8.94
CA ILE A 238 1.50 -4.86 -10.09
C ILE A 238 2.36 -3.59 -10.11
N ASP A 239 1.88 -2.49 -9.52
CA ASP A 239 2.78 -1.37 -9.29
C ASP A 239 3.81 -1.73 -8.23
N THR A 240 3.38 -2.44 -7.18
CA THR A 240 4.30 -2.91 -6.17
C THR A 240 5.31 -3.90 -6.75
N SER A 241 4.85 -4.80 -7.62
CA SER A 241 5.76 -5.73 -8.28
C SER A 241 6.70 -5.04 -9.26
N LYS A 242 6.48 -3.75 -9.54
CA LYS A 242 7.32 -2.95 -10.43
C LYS A 242 7.40 -3.53 -11.83
N VAL A 243 6.49 -4.44 -12.18
CA VAL A 243 6.45 -5.01 -13.52
C VAL A 243 5.88 -3.99 -14.49
N ASN A 244 6.44 -3.93 -15.70
CA ASN A 244 5.91 -3.10 -16.76
C ASN A 244 4.68 -3.80 -17.32
N TYR A 245 3.47 -3.31 -16.96
CA TYR A 245 2.23 -3.96 -17.33
C TYR A 245 1.29 -2.98 -18.02
N GLY A 246 0.47 -3.52 -18.91
CA GLY A 246 -0.59 -2.79 -19.56
C GLY A 246 -1.95 -3.44 -19.31
N VAL A 247 -3.03 -2.69 -19.53
CA VAL A 247 -4.38 -3.19 -19.32
C VAL A 247 -5.20 -2.90 -20.57
N THR A 248 -5.85 -3.93 -21.12
CA THR A 248 -6.48 -3.79 -22.42
C THR A 248 -7.75 -4.64 -22.49
N VAL A 249 -8.37 -4.61 -23.67
CA VAL A 249 -9.59 -5.36 -23.91
C VAL A 249 -9.31 -6.86 -23.85
N LEU A 250 -10.30 -7.61 -23.39
CA LEU A 250 -10.17 -9.06 -23.33
C LEU A 250 -10.11 -9.65 -24.74
N PRO A 251 -9.44 -10.78 -24.90
CA PRO A 251 -9.36 -11.39 -26.24
C PRO A 251 -10.72 -11.86 -26.70
N THR A 252 -10.91 -11.86 -28.02
CA THR A 252 -12.18 -12.26 -28.59
C THR A 252 -12.26 -13.77 -28.75
N PHE A 253 -13.49 -14.25 -28.92
CA PHE A 253 -13.75 -15.66 -29.23
C PHE A 253 -14.69 -15.69 -30.43
N LYS A 254 -14.15 -16.06 -31.58
CA LYS A 254 -14.91 -16.12 -32.84
C LYS A 254 -15.50 -14.76 -33.18
N GLY A 255 -14.64 -13.75 -33.21
CA GLY A 255 -15.04 -12.39 -33.53
C GLY A 255 -15.95 -11.73 -32.51
N GLN A 256 -16.28 -12.41 -31.42
CA GLN A 256 -17.18 -11.91 -30.42
C GLN A 256 -16.43 -11.49 -29.17
N PRO A 257 -16.77 -10.36 -28.56
CA PRO A 257 -16.06 -9.92 -27.35
C PRO A 257 -16.26 -10.90 -26.21
N SER A 258 -15.26 -10.98 -25.34
CA SER A 258 -15.45 -11.65 -24.07
C SER A 258 -16.43 -10.85 -23.23
N LYS A 259 -17.22 -11.55 -22.43
CA LYS A 259 -18.32 -10.93 -21.67
C LYS A 259 -18.08 -11.11 -20.18
N PRO A 260 -17.25 -10.26 -19.57
CA PRO A 260 -17.07 -10.34 -18.12
C PRO A 260 -18.31 -9.82 -17.41
N PHE A 261 -18.56 -10.37 -16.22
CA PHE A 261 -19.61 -9.82 -15.37
C PHE A 261 -19.26 -8.39 -14.97
N VAL A 262 -20.28 -7.55 -14.87
CA VAL A 262 -20.09 -6.13 -14.59
C VAL A 262 -20.68 -5.82 -13.22
N GLY A 263 -19.87 -5.21 -12.36
CA GLY A 263 -20.33 -4.71 -11.07
C GLY A 263 -20.44 -3.19 -11.13
N VAL A 264 -21.59 -2.69 -10.67
CA VAL A 264 -21.87 -1.26 -10.68
C VAL A 264 -22.07 -0.82 -9.23
N LEU A 265 -21.10 -0.07 -8.72
CA LEU A 265 -21.26 0.58 -7.42
C LEU A 265 -22.42 1.57 -7.50
N SER A 266 -23.40 1.41 -6.62
CA SER A 266 -24.65 2.14 -6.73
C SER A 266 -25.01 2.79 -5.40
N ALA A 267 -25.87 3.80 -5.48
CA ALA A 267 -26.39 4.49 -4.31
C ALA A 267 -27.91 4.37 -4.30
N GLY A 268 -28.44 3.72 -3.26
CA GLY A 268 -29.87 3.58 -3.13
C GLY A 268 -30.43 4.42 -2.00
N ILE A 269 -31.72 4.73 -2.05
CA ILE A 269 -32.37 5.57 -1.04
C ILE A 269 -33.24 4.69 -0.16
N ASN A 270 -33.02 4.78 1.16
CA ASN A 270 -33.81 4.01 2.12
C ASN A 270 -35.30 4.33 1.97
N ALA A 271 -36.12 3.28 1.94
CA ALA A 271 -37.56 3.46 1.88
C ALA A 271 -38.11 4.11 3.15
N ALA A 272 -37.47 3.86 4.29
CA ALA A 272 -37.88 4.46 5.56
C ALA A 272 -37.44 5.91 5.69
N SER A 273 -36.72 6.45 4.72
CA SER A 273 -36.17 7.79 4.86
C SER A 273 -37.26 8.84 4.69
N PRO A 274 -37.25 9.89 5.51
CA PRO A 274 -38.07 11.08 5.25
C PRO A 274 -37.37 12.15 4.43
N ASN A 275 -36.18 11.86 3.90
CA ASN A 275 -35.37 12.84 3.19
C ASN A 275 -35.10 12.39 1.76
N LYS A 276 -36.10 11.76 1.14
CA LYS A 276 -35.90 11.19 -0.19
C LYS A 276 -35.57 12.26 -1.23
N GLU A 277 -36.19 13.43 -1.11
CA GLU A 277 -35.89 14.52 -2.04
C GLU A 277 -34.52 15.12 -1.77
N LEU A 278 -34.14 15.22 -0.49
CA LEU A 278 -32.80 15.69 -0.17
C LEU A 278 -31.74 14.72 -0.67
N ALA A 279 -31.99 13.41 -0.51
CA ALA A 279 -31.07 12.40 -1.02
C ALA A 279 -30.98 12.46 -2.54
N LYS A 280 -32.11 12.70 -3.20
CA LYS A 280 -32.11 12.85 -4.65
C LYS A 280 -31.27 14.06 -5.08
N GLU A 281 -31.46 15.19 -4.40
CA GLU A 281 -30.67 16.38 -4.69
C GLU A 281 -29.18 16.11 -4.51
N PHE A 282 -28.82 15.48 -3.40
CA PHE A 282 -27.40 15.24 -3.12
C PHE A 282 -26.77 14.38 -4.21
N LEU A 283 -27.43 13.28 -4.59
CA LEU A 283 -26.84 12.33 -5.52
C LEU A 283 -26.79 12.91 -6.93
N GLU A 284 -27.89 13.50 -7.39
CA GLU A 284 -27.96 13.97 -8.78
C GLU A 284 -27.15 15.25 -8.96
N ASN A 285 -27.27 16.20 -8.05
CA ASN A 285 -26.72 17.53 -8.26
C ASN A 285 -25.35 17.75 -7.62
N TYR A 286 -24.88 16.82 -6.78
CA TYR A 286 -23.61 17.08 -6.11
C TYR A 286 -22.61 15.94 -6.29
N LEU A 287 -23.03 14.71 -6.02
CA LEU A 287 -22.12 13.58 -6.20
C LEU A 287 -21.89 13.27 -7.67
N LEU A 288 -22.97 12.97 -8.39
CA LEU A 288 -22.88 12.62 -9.81
C LEU A 288 -22.64 13.87 -10.65
N THR A 289 -21.54 14.56 -10.34
CA THR A 289 -20.98 15.64 -11.12
C THR A 289 -19.48 15.37 -11.27
N ASP A 290 -18.84 16.10 -12.18
CA ASP A 290 -17.38 15.99 -12.31
C ASP A 290 -16.70 16.33 -10.99
N GLU A 291 -17.14 17.40 -10.32
CA GLU A 291 -16.53 17.80 -9.06
C GLU A 291 -16.80 16.76 -7.98
N GLY A 292 -18.01 16.23 -7.91
CA GLY A 292 -18.36 15.22 -6.93
C GLY A 292 -17.53 13.96 -7.06
N LEU A 293 -17.58 13.31 -8.22
CA LEU A 293 -16.82 12.09 -8.42
C LEU A 293 -15.33 12.32 -8.26
N GLU A 294 -14.83 13.49 -8.66
CA GLU A 294 -13.40 13.77 -8.49
C GLU A 294 -13.03 13.77 -7.02
N ALA A 295 -13.89 14.33 -6.17
CA ALA A 295 -13.63 14.36 -4.74
C ALA A 295 -13.51 12.94 -4.18
N VAL A 296 -14.42 12.06 -4.57
CA VAL A 296 -14.35 10.67 -4.12
C VAL A 296 -13.14 9.96 -4.75
N ASN A 297 -12.91 10.19 -6.04
CA ASN A 297 -11.86 9.46 -6.75
C ASN A 297 -10.48 9.76 -6.18
N LYS A 298 -10.23 11.01 -5.78
CA LYS A 298 -8.96 11.34 -5.16
C LYS A 298 -8.76 10.57 -3.86
N ASP A 299 -9.84 10.32 -3.13
CA ASP A 299 -9.73 9.64 -1.84
C ASP A 299 -9.36 8.18 -2.01
N LYS A 300 -10.12 7.44 -2.82
CA LYS A 300 -9.78 6.12 -3.28
C LYS A 300 -10.33 6.03 -4.69
N PRO A 301 -9.52 5.64 -5.67
CA PRO A 301 -10.00 5.63 -7.06
C PRO A 301 -11.24 4.77 -7.23
N LEU A 302 -12.17 5.27 -8.03
CA LEU A 302 -13.40 4.56 -8.36
C LEU A 302 -13.23 3.60 -9.54
N GLY A 303 -12.15 3.72 -10.29
CA GLY A 303 -12.04 2.98 -11.55
C GLY A 303 -12.76 3.73 -12.64
N ALA A 304 -13.56 3.01 -13.43
CA ALA A 304 -14.44 3.64 -14.39
C ALA A 304 -15.75 4.02 -13.71
N VAL A 305 -16.35 5.13 -14.14
CA VAL A 305 -17.52 5.68 -13.50
C VAL A 305 -18.69 5.70 -14.48
N ALA A 306 -19.89 5.94 -13.94
CA ALA A 306 -21.10 5.98 -14.76
C ALA A 306 -21.32 7.32 -15.44
N LEU A 307 -20.75 8.40 -14.90
CA LEU A 307 -20.94 9.73 -15.47
C LEU A 307 -20.07 9.88 -16.72
N LYS A 308 -20.73 10.16 -17.85
CA LYS A 308 -20.00 10.23 -19.13
C LYS A 308 -18.90 11.28 -19.08
N SER A 309 -19.24 12.50 -18.64
CA SER A 309 -18.30 13.60 -18.65
C SER A 309 -17.04 13.28 -17.85
N TYR A 310 -17.21 12.74 -16.64
CA TYR A 310 -16.03 12.46 -15.84
C TYR A 310 -15.28 11.24 -16.35
N GLU A 311 -16.02 10.24 -16.85
CA GLU A 311 -15.36 9.05 -17.39
C GLU A 311 -14.48 9.41 -18.58
N GLU A 312 -14.93 10.34 -19.42
CA GLU A 312 -14.11 10.78 -20.54
C GLU A 312 -12.79 11.37 -20.06
N GLU A 313 -12.77 11.91 -18.84
CA GLU A 313 -11.54 12.43 -18.27
C GLU A 313 -10.70 11.32 -17.65
N LEU A 314 -11.33 10.44 -16.86
CA LEU A 314 -10.59 9.34 -16.25
C LEU A 314 -10.04 8.38 -17.30
N ALA A 315 -10.68 8.31 -18.47
CA ALA A 315 -10.27 7.36 -19.50
C ALA A 315 -8.97 7.73 -20.18
N LYS A 316 -8.41 8.92 -19.90
CA LYS A 316 -7.05 9.20 -20.37
C LYS A 316 -6.07 8.17 -19.84
N ASP A 317 -6.32 7.64 -18.66
CA ASP A 317 -5.62 6.44 -18.21
C ASP A 317 -6.07 5.28 -19.09
N PRO A 318 -5.18 4.66 -19.85
CA PRO A 318 -5.61 3.53 -20.70
C PRO A 318 -6.20 2.39 -19.91
N ARG A 319 -5.75 2.18 -18.67
CA ARG A 319 -6.27 1.08 -17.87
C ARG A 319 -7.74 1.29 -17.55
N ILE A 320 -8.14 2.52 -17.25
CA ILE A 320 -9.55 2.79 -16.95
C ILE A 320 -10.39 2.68 -18.20
N ALA A 321 -9.87 3.12 -19.35
CA ALA A 321 -10.58 2.94 -20.61
C ALA A 321 -10.81 1.47 -20.91
N ALA A 322 -9.81 0.63 -20.63
CA ALA A 322 -9.97 -0.80 -20.87
C ALA A 322 -11.05 -1.40 -19.99
N THR A 323 -11.09 -0.99 -18.71
CA THR A 323 -12.15 -1.43 -17.81
C THR A 323 -13.53 -1.12 -18.39
N MET A 324 -13.75 0.14 -18.77
CA MET A 324 -15.04 0.55 -19.30
C MET A 324 -15.35 -0.17 -20.61
N GLU A 325 -14.33 -0.37 -21.46
CA GLU A 325 -14.57 -1.08 -22.72
C GLU A 325 -15.03 -2.51 -22.48
N ASN A 326 -14.31 -3.23 -21.62
CA ASN A 326 -14.75 -4.58 -21.26
C ASN A 326 -16.10 -4.56 -20.56
N ALA A 327 -16.41 -3.49 -19.84
CA ALA A 327 -17.70 -3.39 -19.15
C ALA A 327 -18.84 -3.24 -20.15
N GLN A 328 -18.68 -2.36 -21.14
CA GLN A 328 -19.71 -2.18 -22.15
C GLN A 328 -19.94 -3.46 -22.96
N LYS A 329 -18.87 -4.24 -23.19
CA LYS A 329 -18.98 -5.51 -23.89
C LYS A 329 -19.34 -6.67 -22.96
N GLY A 330 -19.60 -6.39 -21.70
CA GLY A 330 -19.78 -7.42 -20.69
C GLY A 330 -21.23 -7.73 -20.41
N GLU A 331 -21.46 -8.34 -19.25
CA GLU A 331 -22.79 -8.75 -18.82
C GLU A 331 -23.03 -8.27 -17.41
N ILE A 332 -24.08 -7.48 -17.22
CA ILE A 332 -24.45 -7.01 -15.88
C ILE A 332 -24.71 -8.23 -15.00
N MET A 333 -24.06 -8.26 -13.84
CA MET A 333 -24.28 -9.37 -12.92
C MET A 333 -25.72 -9.33 -12.44
N PRO A 334 -26.50 -10.41 -12.62
CA PRO A 334 -27.91 -10.37 -12.21
C PRO A 334 -28.07 -10.06 -10.73
N ASN A 335 -29.08 -9.27 -10.42
CA ASN A 335 -29.37 -8.85 -9.05
C ASN A 335 -30.34 -9.77 -8.34
N ILE A 336 -30.50 -11.00 -8.82
CA ILE A 336 -31.56 -11.88 -8.34
C ILE A 336 -30.97 -12.96 -7.44
N PRO A 337 -31.75 -13.50 -6.49
CA PRO A 337 -31.18 -14.48 -5.54
C PRO A 337 -30.75 -15.78 -6.19
N GLN A 338 -31.33 -16.15 -7.34
CA GLN A 338 -30.96 -17.37 -8.04
C GLN A 338 -29.53 -17.33 -8.56
N MET A 339 -28.84 -16.20 -8.43
CA MET A 339 -27.46 -16.11 -8.88
C MET A 339 -26.52 -16.99 -8.06
N SER A 340 -26.87 -17.30 -6.82
CA SER A 340 -26.05 -18.19 -6.00
C SER A 340 -26.08 -19.62 -6.53
N ALA A 341 -27.24 -20.07 -6.99
CA ALA A 341 -27.31 -21.38 -7.64
C ALA A 341 -26.51 -21.39 -8.94
N PHE A 342 -26.42 -20.23 -9.61
CA PHE A 342 -25.63 -20.14 -10.83
C PHE A 342 -24.15 -20.42 -10.57
N TRP A 343 -23.59 -19.78 -9.54
CA TRP A 343 -22.17 -19.97 -9.27
C TRP A 343 -21.89 -21.35 -8.70
N TYR A 344 -22.77 -21.85 -7.83
CA TYR A 344 -22.56 -23.18 -7.28
C TYR A 344 -22.59 -24.25 -8.37
N ALA A 345 -23.43 -24.05 -9.40
CA ALA A 345 -23.53 -25.04 -10.46
C ALA A 345 -22.42 -24.88 -11.49
N VAL A 346 -22.09 -23.64 -11.85
CA VAL A 346 -21.06 -23.43 -12.86
C VAL A 346 -19.67 -23.70 -12.28
N ARG A 347 -19.45 -23.41 -11.00
CA ARG A 347 -18.16 -23.70 -10.38
C ARG A 347 -17.84 -25.18 -10.44
N THR A 348 -18.76 -26.02 -9.95
CA THR A 348 -18.55 -27.47 -10.02
C THR A 348 -18.45 -27.93 -11.46
N ALA A 349 -19.22 -27.31 -12.36
CA ALA A 349 -19.20 -27.72 -13.77
C ALA A 349 -17.85 -27.46 -14.41
N VAL A 350 -17.30 -26.24 -14.23
CA VAL A 350 -16.05 -25.90 -14.87
C VAL A 350 -14.90 -26.73 -14.32
N ILE A 351 -14.91 -26.98 -13.00
CA ILE A 351 -13.82 -27.77 -12.41
C ILE A 351 -13.89 -29.21 -12.87
N ASN A 352 -15.09 -29.76 -13.07
CA ASN A 352 -15.21 -31.12 -13.57
C ASN A 352 -14.77 -31.22 -15.02
N ALA A 353 -15.19 -30.27 -15.86
CA ALA A 353 -14.78 -30.28 -17.25
C ALA A 353 -13.29 -30.02 -17.41
N ALA A 354 -12.67 -29.32 -16.44
CA ALA A 354 -11.25 -29.01 -16.55
C ALA A 354 -10.37 -30.16 -16.08
N SER A 355 -10.84 -30.96 -15.12
CA SER A 355 -10.07 -32.09 -14.61
C SER A 355 -10.45 -33.41 -15.26
N GLY A 356 -11.49 -33.43 -16.08
CA GLY A 356 -11.88 -34.64 -16.80
C GLY A 356 -12.84 -35.55 -16.08
N ARG A 357 -13.34 -35.15 -14.90
CA ARG A 357 -14.29 -36.01 -14.19
C ARG A 357 -15.59 -36.15 -14.96
N GLN A 358 -15.98 -35.13 -15.71
CA GLN A 358 -17.09 -35.20 -16.65
C GLN A 358 -16.63 -34.64 -17.99
N THR A 359 -17.45 -34.85 -19.01
CA THR A 359 -17.20 -34.22 -20.28
C THR A 359 -17.77 -32.81 -20.29
N VAL A 360 -17.31 -32.00 -21.24
CA VAL A 360 -17.75 -30.61 -21.33
C VAL A 360 -19.27 -30.54 -21.44
N ASP A 361 -19.88 -31.47 -22.19
CA ASP A 361 -21.32 -31.45 -22.34
C ASP A 361 -22.01 -31.92 -21.06
N GLU A 362 -21.55 -33.02 -20.47
CA GLU A 362 -22.17 -33.50 -19.24
C GLU A 362 -22.06 -32.47 -18.13
N ALA A 363 -20.93 -31.77 -18.05
CA ALA A 363 -20.76 -30.73 -17.03
C ALA A 363 -21.81 -29.63 -17.18
N LEU A 364 -21.99 -29.13 -18.40
CA LEU A 364 -22.95 -28.06 -18.61
C LEU A 364 -24.39 -28.55 -18.47
N LYS A 365 -24.65 -29.80 -18.83
CA LYS A 365 -25.98 -30.36 -18.61
C LYS A 365 -26.39 -30.27 -17.15
N ASP A 366 -25.54 -30.79 -16.26
CA ASP A 366 -25.87 -30.79 -14.83
C ASP A 366 -25.97 -29.37 -14.28
N ALA A 367 -25.10 -28.47 -14.74
CA ALA A 367 -25.22 -27.07 -14.34
C ALA A 367 -26.52 -26.46 -14.81
N GLN A 368 -27.03 -26.93 -15.96
CA GLN A 368 -28.29 -26.40 -16.49
C GLN A 368 -29.47 -26.87 -15.65
N THR A 369 -29.50 -28.16 -15.30
CA THR A 369 -30.61 -28.73 -14.52
C THR A 369 -30.78 -28.01 -13.19
N LYS B 4 -16.45 37.06 19.14
CA LYS B 4 -15.13 36.50 19.38
C LYS B 4 -15.07 35.06 18.87
N ILE B 5 -14.71 34.14 19.76
CA ILE B 5 -14.76 32.70 19.52
C ILE B 5 -15.86 32.14 20.40
N GLU B 6 -16.82 31.45 19.78
CA GLU B 6 -18.00 31.04 20.53
C GLU B 6 -17.70 29.79 21.35
N GLU B 7 -18.34 29.71 22.52
CA GLU B 7 -18.08 28.63 23.46
C GLU B 7 -18.98 27.44 23.16
N GLY B 8 -18.57 26.29 23.67
CA GLY B 8 -19.32 25.08 23.49
C GLY B 8 -19.06 24.33 22.22
N LYS B 9 -18.03 24.70 21.47
CA LYS B 9 -17.65 24.01 20.26
C LYS B 9 -16.19 24.29 19.98
N LEU B 10 -15.64 23.56 19.02
CA LEU B 10 -14.24 23.67 18.66
C LEU B 10 -14.11 23.95 17.16
N VAL B 11 -13.33 24.96 16.81
CA VAL B 11 -12.89 25.21 15.44
C VAL B 11 -11.41 24.87 15.35
N ILE B 12 -11.06 24.01 14.39
CA ILE B 12 -9.69 23.54 14.20
C ILE B 12 -9.23 24.00 12.82
N TRP B 13 -8.01 24.55 12.75
CA TRP B 13 -7.36 24.90 11.50
C TRP B 13 -6.18 23.97 11.25
N ILE B 14 -6.14 23.40 10.05
CA ILE B 14 -5.07 22.50 9.65
C ILE B 14 -4.85 22.70 8.15
N ASN B 15 -3.61 22.55 7.71
CA ASN B 15 -3.28 22.85 6.32
C ASN B 15 -3.97 21.88 5.37
N GLY B 16 -4.21 22.37 4.14
CA GLY B 16 -4.95 21.61 3.13
C GLY B 16 -4.26 20.36 2.62
N ASP B 17 -2.98 20.15 2.95
CA ASP B 17 -2.30 18.92 2.53
C ASP B 17 -2.39 17.81 3.58
N LYS B 18 -3.03 18.07 4.71
CA LYS B 18 -3.18 17.09 5.78
C LYS B 18 -4.51 16.36 5.65
N GLY B 19 -4.67 15.32 6.45
CA GLY B 19 -5.88 14.54 6.43
C GLY B 19 -7.03 15.16 7.22
N TYR B 20 -7.56 16.29 6.73
CA TYR B 20 -8.53 17.05 7.52
C TYR B 20 -9.91 16.40 7.58
N ASN B 21 -10.22 15.47 6.66
CA ASN B 21 -11.49 14.77 6.77
C ASN B 21 -11.41 13.64 7.79
N GLY B 22 -10.25 12.98 7.88
CA GLY B 22 -10.05 12.04 8.98
C GLY B 22 -10.05 12.74 10.33
N LEU B 23 -9.44 13.92 10.40
CA LEU B 23 -9.48 14.69 11.64
C LEU B 23 -10.91 15.06 12.01
N ALA B 24 -11.74 15.40 11.02
CA ALA B 24 -13.14 15.71 11.30
C ALA B 24 -13.90 14.47 11.78
N GLU B 25 -13.49 13.28 11.31
CA GLU B 25 -14.06 12.04 11.82
C GLU B 25 -13.76 11.86 13.32
N VAL B 26 -12.55 12.23 13.74
CA VAL B 26 -12.26 12.25 15.17
C VAL B 26 -13.10 13.31 15.87
N GLY B 27 -13.32 14.44 15.21
CA GLY B 27 -14.19 15.46 15.76
C GLY B 27 -15.63 15.02 15.88
N LYS B 28 -16.08 14.16 14.96
CA LYS B 28 -17.43 13.61 15.06
C LYS B 28 -17.56 12.67 16.25
N LYS B 29 -16.53 11.87 16.51
CA LYS B 29 -16.57 10.99 17.69
C LYS B 29 -16.60 11.82 18.97
N PHE B 30 -15.80 12.89 19.03
CA PHE B 30 -15.82 13.77 20.19
C PHE B 30 -17.22 14.37 20.40
N GLU B 31 -17.84 14.84 19.31
CA GLU B 31 -19.19 15.39 19.40
C GLU B 31 -20.19 14.32 19.84
N LYS B 32 -20.03 13.09 19.35
CA LYS B 32 -20.95 12.01 19.72
C LYS B 32 -20.88 11.71 21.21
N ASP B 33 -19.74 11.91 21.84
CA ASP B 33 -19.59 11.64 23.27
C ASP B 33 -19.97 12.83 24.15
N THR B 34 -19.78 14.06 23.66
CA THR B 34 -19.86 15.25 24.49
C THR B 34 -20.87 16.28 24.01
N GLY B 35 -21.44 16.13 22.81
CA GLY B 35 -22.30 17.16 22.28
C GLY B 35 -21.60 18.40 21.77
N ILE B 36 -20.27 18.39 21.73
CA ILE B 36 -19.48 19.55 21.34
C ILE B 36 -19.14 19.44 19.87
N LYS B 37 -19.66 20.37 19.06
CA LYS B 37 -19.41 20.32 17.63
C LYS B 37 -17.96 20.70 17.34
N VAL B 38 -17.32 19.92 16.46
CA VAL B 38 -15.94 20.14 16.07
C VAL B 38 -15.91 20.32 14.57
N THR B 39 -15.54 21.53 14.13
CA THR B 39 -15.48 21.86 12.70
C THR B 39 -14.02 22.06 12.30
N VAL B 40 -13.61 21.34 11.26
CA VAL B 40 -12.22 21.30 10.82
C VAL B 40 -12.13 22.01 9.49
N GLU B 41 -11.36 23.10 9.44
CA GLU B 41 -11.22 23.88 8.23
C GLU B 41 -9.75 23.97 7.83
N HIS B 42 -9.52 24.26 6.56
CA HIS B 42 -8.18 24.36 5.99
C HIS B 42 -8.08 25.64 5.17
N PRO B 43 -8.04 26.80 5.82
CA PRO B 43 -7.98 28.06 5.08
C PRO B 43 -6.66 28.22 4.34
N ASP B 44 -6.70 29.02 3.28
CA ASP B 44 -5.48 29.37 2.57
C ASP B 44 -4.66 30.34 3.42
N LYS B 45 -3.35 30.37 3.16
CA LYS B 45 -2.42 31.26 3.86
C LYS B 45 -2.51 31.06 5.36
N LEU B 46 -2.71 29.81 5.78
CA LEU B 46 -2.98 29.51 7.18
C LEU B 46 -1.84 29.96 8.09
N GLU B 47 -0.59 29.72 7.67
CA GLU B 47 0.54 30.01 8.55
C GLU B 47 0.57 31.46 9.00
N GLU B 48 0.17 32.38 8.12
CA GLU B 48 0.18 33.80 8.46
C GLU B 48 -1.20 34.35 8.78
N LYS B 49 -2.28 33.65 8.39
CA LYS B 49 -3.60 34.12 8.74
C LYS B 49 -3.88 33.95 10.22
N PHE B 50 -3.38 32.87 10.82
CA PHE B 50 -3.60 32.66 12.25
C PHE B 50 -3.06 33.80 13.11
N PRO B 51 -1.80 34.23 12.99
CA PRO B 51 -1.34 35.34 13.83
C PRO B 51 -2.17 36.61 13.66
N GLN B 52 -2.57 36.92 12.43
CA GLN B 52 -3.41 38.09 12.19
C GLN B 52 -4.76 37.95 12.87
N VAL B 53 -5.38 36.76 12.75
CA VAL B 53 -6.73 36.59 13.28
C VAL B 53 -6.70 36.30 14.77
N ALA B 54 -5.63 35.68 15.28
CA ALA B 54 -5.55 35.41 16.71
C ALA B 54 -5.22 36.67 17.49
N ALA B 55 -4.36 37.53 16.96
CA ALA B 55 -4.01 38.78 17.63
C ALA B 55 -5.20 39.72 17.74
N THR B 56 -6.23 39.51 16.93
CA THR B 56 -7.50 40.22 17.03
C THR B 56 -8.37 39.68 18.16
N GLY B 57 -8.04 38.52 18.71
CA GLY B 57 -8.89 37.83 19.63
C GLY B 57 -9.80 36.82 18.95
N ASP B 58 -9.65 36.65 17.65
CA ASP B 58 -10.48 35.78 16.83
C ASP B 58 -9.71 34.50 16.51
N GLY B 59 -10.21 33.73 15.55
CA GLY B 59 -9.49 32.59 15.03
C GLY B 59 -10.01 31.25 15.52
N PRO B 60 -9.27 30.19 15.22
CA PRO B 60 -9.68 28.85 15.63
C PRO B 60 -9.34 28.61 17.10
N ASP B 61 -9.93 27.55 17.64
CA ASP B 61 -9.54 27.12 18.98
C ASP B 61 -8.24 26.33 18.96
N ILE B 62 -8.02 25.56 17.91
CA ILE B 62 -6.84 24.71 17.76
C ILE B 62 -6.25 24.96 16.38
N ILE B 63 -4.92 25.04 16.31
CA ILE B 63 -4.23 25.21 15.03
C ILE B 63 -3.14 24.15 14.92
N PHE B 64 -3.06 23.50 13.76
CA PHE B 64 -2.05 22.48 13.47
C PHE B 64 -0.99 23.07 12.56
N TRP B 65 0.27 23.02 12.98
CA TRP B 65 1.35 23.45 12.11
C TRP B 65 2.66 22.88 12.61
N ALA B 66 3.67 22.94 11.75
CA ALA B 66 5.03 22.58 12.13
C ALA B 66 5.43 23.35 13.37
N HIS B 67 6.12 22.66 14.29
CA HIS B 67 6.45 23.22 15.60
C HIS B 67 7.25 24.50 15.52
N ASP B 68 8.12 24.64 14.51
CA ASP B 68 9.06 25.75 14.52
C ASP B 68 8.37 27.10 14.34
N ARG B 69 7.18 27.12 13.72
CA ARG B 69 6.42 28.35 13.60
C ARG B 69 5.76 28.74 14.91
N PHE B 70 5.44 27.77 15.77
CA PHE B 70 4.76 28.06 17.03
C PHE B 70 5.61 28.93 17.94
N GLY B 71 6.94 28.89 17.77
CA GLY B 71 7.79 29.75 18.58
C GLY B 71 7.44 31.22 18.43
N GLY B 72 7.21 31.66 17.18
CA GLY B 72 6.78 33.03 16.97
C GLY B 72 5.40 33.31 17.52
N TYR B 73 4.47 32.36 17.33
CA TYR B 73 3.15 32.47 17.95
C TYR B 73 3.27 32.69 19.45
N ALA B 74 4.02 31.82 20.13
CA ALA B 74 4.20 31.92 21.57
C ALA B 74 4.86 33.24 21.96
N GLN B 75 5.84 33.69 21.17
CA GLN B 75 6.46 34.98 21.42
C GLN B 75 5.43 36.10 21.43
N SER B 76 4.46 36.04 20.52
CA SER B 76 3.39 37.02 20.45
C SER B 76 2.27 36.75 21.45
N GLY B 77 2.43 35.79 22.36
CA GLY B 77 1.40 35.49 23.34
C GLY B 77 0.12 34.94 22.74
N LEU B 78 0.21 34.25 21.60
CA LEU B 78 -0.95 33.76 20.89
C LEU B 78 -1.33 32.34 21.27
N LEU B 79 -0.48 31.63 21.99
CA LEU B 79 -0.71 30.23 22.33
C LEU B 79 -0.80 30.06 23.84
N ALA B 80 -1.78 29.27 24.27
CA ALA B 80 -1.93 28.96 25.69
C ALA B 80 -0.93 27.88 26.09
N GLU B 81 -0.37 28.04 27.29
CA GLU B 81 0.45 26.98 27.87
C GLU B 81 -0.42 25.76 28.15
N ILE B 82 0.01 24.59 27.70
CA ILE B 82 -0.79 23.37 27.84
C ILE B 82 -0.36 22.65 29.10
N THR B 83 -1.23 21.76 29.59
CA THR B 83 -1.08 21.14 30.90
C THR B 83 -1.24 19.63 30.85
N PRO B 84 -0.42 18.92 30.06
CA PRO B 84 -0.47 17.46 30.11
C PRO B 84 0.16 16.95 31.39
N ASP B 85 -0.41 15.89 31.96
CA ASP B 85 0.19 15.31 33.15
C ASP B 85 1.29 14.32 32.75
N LYS B 86 1.99 13.81 33.77
CA LYS B 86 3.12 12.92 33.51
C LYS B 86 2.70 11.68 32.72
N ALA B 87 1.55 11.10 33.07
CA ALA B 87 1.10 9.89 32.39
C ALA B 87 0.89 10.13 30.89
N PHE B 88 0.32 11.28 30.53
CA PHE B 88 0.13 11.56 29.11
C PHE B 88 1.47 11.85 28.43
N GLN B 89 2.28 12.71 29.04
CA GLN B 89 3.58 13.04 28.46
C GLN B 89 4.39 11.78 28.16
N ASP B 90 4.29 10.78 29.04
CA ASP B 90 4.98 9.51 28.84
C ASP B 90 4.45 8.71 27.65
N LYS B 91 3.30 9.10 27.08
CA LYS B 91 2.79 8.39 25.90
C LYS B 91 3.47 8.83 24.61
N LEU B 92 4.17 9.96 24.60
CA LEU B 92 4.82 10.48 23.41
C LEU B 92 6.34 10.36 23.56
N TYR B 93 7.02 10.27 22.42
CA TYR B 93 8.47 10.21 22.45
C TYR B 93 9.03 11.47 23.10
N PRO B 94 10.02 11.35 23.99
CA PRO B 94 10.45 12.53 24.77
C PRO B 94 10.97 13.67 23.91
N PHE B 95 11.68 13.38 22.82
CA PHE B 95 12.24 14.46 22.01
C PHE B 95 11.15 15.31 21.37
N THR B 96 9.96 14.73 21.14
CA THR B 96 8.90 15.52 20.53
C THR B 96 8.41 16.61 21.47
N TRP B 97 8.43 16.35 22.78
CA TRP B 97 8.08 17.40 23.73
C TRP B 97 9.08 18.54 23.70
N ASP B 98 10.36 18.23 23.45
CA ASP B 98 11.35 19.30 23.33
C ASP B 98 11.04 20.23 22.17
N ALA B 99 10.34 19.72 21.15
CA ALA B 99 10.01 20.54 19.99
C ALA B 99 8.92 21.56 20.25
N VAL B 100 8.15 21.39 21.33
CA VAL B 100 7.01 22.26 21.63
C VAL B 100 7.27 23.07 22.89
N ARG B 101 8.53 23.28 23.26
CA ARG B 101 8.89 24.18 24.35
C ARG B 101 9.24 25.54 23.80
N TYR B 102 8.75 26.58 24.47
CA TYR B 102 9.19 27.93 24.20
C TYR B 102 9.42 28.64 25.53
N ASN B 103 10.65 29.14 25.72
CA ASN B 103 11.06 29.75 26.97
C ASN B 103 10.71 28.86 28.16
N GLY B 104 10.94 27.56 28.01
CA GLY B 104 10.77 26.60 29.08
C GLY B 104 9.36 26.07 29.26
N LYS B 105 8.39 26.54 28.49
CA LYS B 105 6.99 26.18 28.67
C LYS B 105 6.48 25.37 27.48
N LEU B 106 5.61 24.41 27.76
CA LEU B 106 4.95 23.65 26.71
C LEU B 106 3.84 24.47 26.08
N ILE B 107 3.85 24.59 24.75
CA ILE B 107 2.85 25.42 24.09
C ILE B 107 2.12 24.68 22.97
N ALA B 108 2.30 23.37 22.87
CA ALA B 108 1.57 22.60 21.86
C ALA B 108 1.73 21.10 22.12
N TYR B 109 0.82 20.33 21.53
CA TYR B 109 0.88 18.87 21.56
C TYR B 109 1.55 18.35 20.30
N PRO B 110 2.65 17.59 20.41
CA PRO B 110 3.21 16.96 19.22
C PRO B 110 2.26 15.92 18.65
N ILE B 111 2.20 15.85 17.32
CA ILE B 111 1.33 14.92 16.61
C ILE B 111 2.15 13.98 15.73
N ALA B 112 2.93 14.53 14.80
CA ALA B 112 3.67 13.69 13.86
C ALA B 112 5.12 14.19 13.72
N VAL B 113 5.95 13.35 13.13
CA VAL B 113 7.40 13.57 13.12
C VAL B 113 7.92 13.32 11.71
N GLU B 114 8.79 14.22 11.25
CA GLU B 114 9.27 14.18 9.88
C GLU B 114 10.77 14.50 9.83
N ALA B 115 11.50 13.76 9.02
CA ALA B 115 12.93 14.00 8.82
C ALA B 115 13.37 13.30 7.54
N LEU B 116 14.54 13.71 7.04
CA LEU B 116 15.13 13.11 5.86
C LEU B 116 15.63 11.70 6.15
N SER B 117 15.62 10.86 5.12
CA SER B 117 16.15 9.50 5.23
C SER B 117 17.03 9.20 4.01
N LEU B 118 17.77 8.09 4.10
CA LEU B 118 18.54 7.57 2.98
C LEU B 118 17.61 6.71 2.13
N ILE B 119 17.44 7.09 0.86
CA ILE B 119 16.59 6.38 -0.08
C ILE B 119 17.50 5.70 -1.10
N TYR B 120 17.32 4.40 -1.31
CA TYR B 120 18.25 3.62 -2.13
C TYR B 120 17.52 2.69 -3.08
N ASN B 121 18.18 2.43 -4.22
CA ASN B 121 17.67 1.54 -5.24
C ASN B 121 18.13 0.11 -4.91
N LYS B 122 17.16 -0.75 -4.60
CA LYS B 122 17.50 -2.11 -4.18
C LYS B 122 18.16 -2.92 -5.29
N ASP B 123 17.80 -2.64 -6.55
CA ASP B 123 18.40 -3.38 -7.65
C ASP B 123 19.88 -3.02 -7.82
N LEU B 124 20.19 -1.72 -7.82
CA LEU B 124 21.58 -1.28 -7.93
C LEU B 124 22.37 -1.50 -6.65
N LEU B 125 21.70 -1.56 -5.51
CA LEU B 125 22.39 -1.53 -4.22
C LEU B 125 21.57 -2.24 -3.16
N PRO B 126 21.59 -3.57 -3.11
CA PRO B 126 20.79 -4.26 -2.09
C PRO B 126 21.24 -4.01 -0.66
N ASN B 127 22.48 -3.58 -0.45
CA ASN B 127 23.04 -3.38 0.89
C ASN B 127 23.63 -1.98 0.96
N PRO B 128 22.81 -0.97 1.24
CA PRO B 128 23.29 0.40 1.18
C PRO B 128 24.31 0.66 2.27
N PRO B 129 25.20 1.64 2.06
CA PRO B 129 26.31 1.84 2.99
C PRO B 129 25.86 2.39 4.33
N LYS B 130 26.52 1.91 5.40
CA LYS B 130 26.26 2.39 6.74
C LYS B 130 26.99 3.69 7.05
N THR B 131 28.03 4.03 6.28
CA THR B 131 28.87 5.17 6.59
C THR B 131 29.03 6.08 5.38
N TRP B 132 29.23 7.38 5.65
CA TRP B 132 29.55 8.32 4.58
C TRP B 132 30.90 8.01 3.96
N GLU B 133 31.85 7.51 4.76
CA GLU B 133 33.19 7.23 4.26
C GLU B 133 33.22 6.08 3.24
N GLU B 134 32.16 5.27 3.15
CA GLU B 134 32.06 4.21 2.17
C GLU B 134 31.72 4.71 0.78
N ILE B 135 31.10 5.88 0.68
CA ILE B 135 30.50 6.31 -0.60
C ILE B 135 31.52 6.48 -1.70
N PRO B 136 32.70 7.07 -1.49
CA PRO B 136 33.63 7.24 -2.63
C PRO B 136 33.96 5.95 -3.38
N ALA B 137 34.35 4.89 -2.67
CA ALA B 137 34.64 3.63 -3.34
C ALA B 137 33.39 3.04 -3.97
N LEU B 138 32.23 3.23 -3.33
CA LEU B 138 30.97 2.76 -3.90
C LEU B 138 30.64 3.52 -5.18
N ASP B 139 30.92 4.83 -5.21
CA ASP B 139 30.69 5.59 -6.44
C ASP B 139 31.63 5.15 -7.55
N LYS B 140 32.85 4.74 -7.20
CA LYS B 140 33.78 4.23 -8.20
C LYS B 140 33.22 3.00 -8.90
N GLU B 141 32.63 2.08 -8.12
CA GLU B 141 32.05 0.88 -8.71
C GLU B 141 30.90 1.23 -9.64
N LEU B 142 30.00 2.11 -9.19
CA LEU B 142 28.81 2.40 -9.96
C LEU B 142 29.08 3.32 -11.13
N LYS B 143 30.13 4.15 -11.05
CA LYS B 143 30.57 4.89 -12.22
C LYS B 143 30.96 3.95 -13.34
N ALA B 144 31.58 2.81 -13.00
CA ALA B 144 31.98 1.81 -13.99
C ALA B 144 30.80 1.07 -14.59
N LYS B 145 29.59 1.28 -14.08
CA LYS B 145 28.38 0.69 -14.65
C LYS B 145 27.45 1.74 -15.24
N GLY B 146 27.96 2.95 -15.48
CA GLY B 146 27.14 4.03 -15.99
C GLY B 146 26.22 4.69 -14.98
N LYS B 147 26.37 4.37 -13.70
CA LYS B 147 25.55 4.94 -12.64
C LYS B 147 26.40 5.84 -11.73
N SER B 148 25.79 6.31 -10.65
CA SER B 148 26.51 7.00 -9.60
C SER B 148 26.01 6.49 -8.26
N ALA B 149 26.77 6.76 -7.20
CA ALA B 149 26.37 6.28 -5.88
C ALA B 149 25.23 7.11 -5.31
N LEU B 150 25.35 8.43 -5.36
CA LEU B 150 24.46 9.29 -4.57
C LEU B 150 24.24 10.62 -5.26
N MET B 151 22.97 11.03 -5.35
CA MET B 151 22.62 12.37 -5.81
C MET B 151 21.52 12.92 -4.91
N PHE B 152 21.76 14.09 -4.31
CA PHE B 152 20.74 14.76 -3.54
C PHE B 152 20.97 16.27 -3.66
N ASN B 153 19.93 17.02 -3.30
CA ASN B 153 19.92 18.48 -3.43
C ASN B 153 21.03 19.12 -2.59
N LEU B 154 22.03 19.68 -3.25
CA LEU B 154 23.13 20.36 -2.56
C LEU B 154 22.91 21.86 -2.47
N GLN B 155 21.89 22.40 -3.12
CA GLN B 155 21.65 23.83 -3.14
C GLN B 155 20.93 24.33 -1.90
N GLU B 156 20.46 23.43 -1.04
CA GLU B 156 19.59 23.79 0.09
C GLU B 156 20.20 23.26 1.37
N PRO B 157 20.45 24.11 2.37
CA PRO B 157 21.09 23.61 3.61
C PRO B 157 20.32 22.52 4.32
N TYR B 158 18.99 22.57 4.26
CA TYR B 158 18.17 21.53 4.88
C TYR B 158 18.64 20.14 4.46
N PHE B 159 19.09 20.00 3.21
CA PHE B 159 19.52 18.69 2.71
C PHE B 159 20.97 18.38 3.05
N THR B 160 21.85 19.39 3.10
CA THR B 160 23.24 19.16 3.44
C THR B 160 23.51 19.18 4.94
N TRP B 161 22.58 19.69 5.75
CA TRP B 161 22.81 19.77 7.18
C TRP B 161 23.02 18.41 7.87
N PRO B 162 22.33 17.32 7.50
CA PRO B 162 22.59 16.05 8.20
C PRO B 162 24.06 15.67 8.23
N LEU B 163 24.78 15.90 7.13
CA LEU B 163 26.20 15.59 7.07
C LEU B 163 27.01 16.58 7.89
N ILE B 164 26.77 17.89 7.68
CA ILE B 164 27.53 18.93 8.38
C ILE B 164 27.37 18.80 9.88
N ALA B 165 26.17 18.45 10.34
CA ALA B 165 25.89 18.37 11.77
C ALA B 165 26.32 17.06 12.39
N ALA B 166 26.72 16.06 11.59
CA ALA B 166 26.98 14.72 12.09
C ALA B 166 27.99 14.74 13.24
N ASP B 167 29.18 15.30 12.98
CA ASP B 167 30.29 15.23 13.92
C ASP B 167 30.33 16.41 14.90
N GLY B 168 29.23 17.16 15.04
CA GLY B 168 29.19 18.16 16.08
C GLY B 168 28.56 19.50 15.73
N GLY B 169 28.18 19.70 14.47
CA GLY B 169 27.54 20.94 14.09
C GLY B 169 26.14 21.08 14.68
N TYR B 170 25.69 22.32 14.80
CA TYR B 170 24.34 22.61 15.27
C TYR B 170 24.00 24.07 14.95
N ALA B 171 22.71 24.35 14.87
CA ALA B 171 22.25 25.70 14.57
C ALA B 171 22.42 26.61 15.78
N PHE B 172 21.52 26.47 16.76
CA PHE B 172 21.62 27.13 18.05
C PHE B 172 21.53 26.07 19.13
N LYS B 173 22.32 26.21 20.18
CA LYS B 173 22.31 25.23 21.25
C LYS B 173 20.99 25.28 22.00
N TYR B 174 20.38 24.10 22.16
CA TYR B 174 19.16 23.94 22.95
C TYR B 174 19.54 23.49 24.36
N GLU B 175 19.05 24.20 25.37
CA GLU B 175 19.29 23.80 26.75
C GLU B 175 18.07 24.17 27.60
N ASN B 176 17.46 23.15 28.21
CA ASN B 176 16.39 23.33 29.18
C ASN B 176 15.23 24.16 28.62
N GLY B 177 14.73 23.75 27.45
CA GLY B 177 13.59 24.41 26.86
C GLY B 177 13.85 25.77 26.25
N LYS B 178 15.12 26.16 26.09
CA LYS B 178 15.47 27.48 25.59
C LYS B 178 16.64 27.36 24.63
N TYR B 179 16.68 28.26 23.65
CA TYR B 179 17.80 28.34 22.72
C TYR B 179 18.69 29.53 23.07
N ASP B 180 20.00 29.32 22.97
CA ASP B 180 20.99 30.38 23.19
C ASP B 180 21.33 31.00 21.84
N ILE B 181 20.83 32.21 21.60
CA ILE B 181 21.03 32.90 20.33
C ILE B 181 22.51 33.13 20.05
N LYS B 182 23.35 33.18 21.07
CA LYS B 182 24.75 33.51 20.91
C LYS B 182 25.65 32.29 20.74
N ASP B 183 25.14 31.08 20.97
CA ASP B 183 25.93 29.86 20.80
C ASP B 183 25.48 29.19 19.50
N VAL B 184 26.24 29.41 18.44
CA VAL B 184 25.96 28.88 17.11
C VAL B 184 27.05 27.88 16.76
N GLY B 185 26.65 26.72 16.27
CA GLY B 185 27.59 25.64 16.01
C GLY B 185 27.83 25.33 14.54
N VAL B 186 27.87 26.37 13.70
CA VAL B 186 28.17 26.18 12.28
C VAL B 186 29.67 26.25 11.99
N ASP B 187 30.49 26.64 12.96
CA ASP B 187 31.90 26.88 12.73
C ASP B 187 32.81 26.05 13.63
N ASN B 188 32.25 25.10 14.38
CA ASN B 188 33.07 24.24 15.23
C ASN B 188 33.70 23.14 14.40
N ALA B 189 34.54 22.33 15.05
CA ALA B 189 35.29 21.29 14.34
C ALA B 189 34.37 20.28 13.68
N GLY B 190 33.20 20.03 14.26
CA GLY B 190 32.29 19.07 13.67
C GLY B 190 31.73 19.54 12.35
N ALA B 191 31.29 20.81 12.29
CA ALA B 191 30.78 21.37 11.04
C ALA B 191 31.87 21.44 9.98
N LYS B 192 33.08 21.83 10.38
CA LYS B 192 34.20 21.84 9.45
C LYS B 192 34.45 20.46 8.88
N ALA B 193 34.54 19.45 9.75
CA ALA B 193 34.75 18.07 9.28
C ALA B 193 33.66 17.64 8.31
N GLY B 194 32.41 18.02 8.59
CA GLY B 194 31.31 17.56 7.75
C GLY B 194 31.29 18.25 6.39
N LEU B 195 31.40 19.58 6.38
CA LEU B 195 31.41 20.28 5.11
C LEU B 195 32.66 19.97 4.30
N THR B 196 33.80 19.76 4.96
CA THR B 196 35.01 19.32 4.28
C THR B 196 34.77 18.02 3.52
N PHE B 197 34.08 17.06 4.14
CA PHE B 197 33.77 15.82 3.46
C PHE B 197 32.86 16.08 2.26
N LEU B 198 31.85 16.92 2.44
CA LEU B 198 30.95 17.27 1.35
C LEU B 198 31.73 17.84 0.16
N VAL B 199 32.66 18.77 0.43
CA VAL B 199 33.44 19.36 -0.64
C VAL B 199 34.39 18.35 -1.26
N ASP B 200 34.97 17.47 -0.42
CA ASP B 200 35.86 16.45 -0.95
C ASP B 200 35.13 15.48 -1.87
N LEU B 201 33.88 15.14 -1.54
CA LEU B 201 33.09 14.32 -2.45
C LEU B 201 32.91 14.99 -3.81
N ILE B 202 32.79 16.32 -3.81
CA ILE B 202 32.63 17.05 -5.07
C ILE B 202 33.96 17.12 -5.82
N LYS B 203 35.06 17.38 -5.09
CA LYS B 203 36.36 17.46 -5.73
C LYS B 203 36.72 16.16 -6.43
N ASN B 204 36.51 15.03 -5.75
CA ASN B 204 36.82 13.73 -6.32
C ASN B 204 35.73 13.23 -7.27
N LYS B 205 34.90 14.14 -7.78
CA LYS B 205 33.96 13.87 -8.85
C LYS B 205 32.94 12.81 -8.46
N HIS B 206 32.62 12.72 -7.18
CA HIS B 206 31.56 11.81 -6.74
C HIS B 206 30.20 12.47 -6.67
N MET B 207 30.15 13.79 -6.50
CA MET B 207 28.92 14.55 -6.66
C MET B 207 29.23 15.81 -7.47
N ASN B 208 28.18 16.41 -8.03
CA ASN B 208 28.29 17.66 -8.78
C ASN B 208 27.66 18.78 -7.95
N ALA B 209 28.35 19.92 -7.88
CA ALA B 209 27.96 20.98 -6.96
C ALA B 209 26.66 21.67 -7.36
N ASP B 210 26.23 21.52 -8.62
CA ASP B 210 25.01 22.15 -9.08
C ASP B 210 23.77 21.27 -8.93
N THR B 211 23.91 20.09 -8.34
CA THR B 211 22.78 19.19 -8.17
C THR B 211 21.75 19.80 -7.23
N ASP B 212 20.52 19.97 -7.73
CA ASP B 212 19.41 20.56 -7.00
C ASP B 212 18.34 19.50 -6.77
N TYR B 213 17.16 19.95 -6.33
CA TYR B 213 16.05 19.01 -6.08
C TYR B 213 15.65 18.27 -7.35
N SER B 214 15.41 19.02 -8.43
CA SER B 214 14.92 18.42 -9.67
C SER B 214 15.90 17.37 -10.20
N ILE B 215 17.18 17.73 -10.26
CA ILE B 215 18.19 16.84 -10.85
C ILE B 215 18.28 15.55 -10.05
N ALA B 216 18.37 15.66 -8.73
CA ALA B 216 18.44 14.48 -7.88
C ALA B 216 17.19 13.62 -8.04
N GLU B 217 16.00 14.23 -7.95
CA GLU B 217 14.76 13.46 -7.99
C GLU B 217 14.63 12.69 -9.29
N ALA B 218 14.87 13.36 -10.43
CA ALA B 218 14.82 12.65 -11.70
C ALA B 218 15.92 11.61 -11.82
N ALA B 219 17.11 11.91 -11.30
CA ALA B 219 18.22 10.97 -11.39
C ALA B 219 17.94 9.68 -10.63
N PHE B 220 17.32 9.79 -9.45
CA PHE B 220 16.97 8.56 -8.73
C PHE B 220 15.80 7.85 -9.40
N ASN B 221 14.74 8.61 -9.72
CA ASN B 221 13.53 8.01 -10.26
C ASN B 221 13.71 7.47 -11.67
N LYS B 222 14.83 7.76 -12.33
CA LYS B 222 15.13 7.19 -13.63
C LYS B 222 16.21 6.10 -13.55
N GLY B 223 16.55 5.65 -12.34
CA GLY B 223 17.49 4.55 -12.20
C GLY B 223 18.94 4.92 -12.44
N GLU B 224 19.27 6.20 -12.48
CA GLU B 224 20.62 6.63 -12.80
C GLU B 224 21.53 6.72 -11.58
N THR B 225 20.97 6.78 -10.37
CA THR B 225 21.78 6.83 -9.16
C THR B 225 21.24 5.83 -8.14
N ALA B 226 22.15 5.28 -7.35
CA ALA B 226 21.78 4.23 -6.41
C ALA B 226 21.09 4.78 -5.16
N MET B 227 21.32 6.05 -4.82
CA MET B 227 20.83 6.58 -3.56
C MET B 227 20.43 8.03 -3.73
N THR B 228 19.47 8.47 -2.91
CA THR B 228 19.20 9.89 -2.77
C THR B 228 18.87 10.15 -1.30
N ILE B 229 18.70 11.43 -0.97
CA ILE B 229 18.33 11.86 0.36
C ILE B 229 17.07 12.71 0.23
N ASN B 230 15.99 12.27 0.84
CA ASN B 230 14.71 12.96 0.71
C ASN B 230 13.78 12.52 1.83
N GLY B 231 12.62 13.17 1.90
CA GLY B 231 11.65 12.90 2.93
C GLY B 231 10.43 12.17 2.41
N PRO B 232 9.48 11.90 3.30
CA PRO B 232 8.29 11.11 2.92
C PRO B 232 7.43 11.75 1.84
N TRP B 233 7.44 13.08 1.73
CA TRP B 233 6.74 13.77 0.65
C TRP B 233 7.15 13.27 -0.73
N ALA B 234 8.31 12.63 -0.83
CA ALA B 234 8.86 12.21 -2.12
C ALA B 234 8.51 10.79 -2.51
N TRP B 235 8.00 9.97 -1.58
CA TRP B 235 7.81 8.56 -1.86
C TRP B 235 6.80 8.32 -2.98
N SER B 236 5.79 9.18 -3.07
CA SER B 236 4.73 8.98 -4.06
C SER B 236 5.29 9.03 -5.48
N ASN B 237 6.17 9.98 -5.76
CA ASN B 237 6.79 10.05 -7.09
C ASN B 237 7.66 8.84 -7.36
N ILE B 238 8.31 8.28 -6.34
CA ILE B 238 9.14 7.10 -6.55
C ILE B 238 8.27 5.87 -6.81
N ASP B 239 7.14 5.76 -6.11
CA ASP B 239 6.20 4.67 -6.32
C ASP B 239 5.84 4.56 -7.81
N THR B 240 5.39 5.68 -8.40
CA THR B 240 4.99 5.68 -9.79
C THR B 240 6.16 5.46 -10.75
N SER B 241 7.39 5.69 -10.29
CA SER B 241 8.55 5.54 -11.18
C SER B 241 8.95 4.09 -11.41
N LYS B 242 8.35 3.14 -10.67
CA LYS B 242 8.71 1.73 -10.79
C LYS B 242 10.19 1.48 -10.54
N VAL B 243 10.75 2.18 -9.56
CA VAL B 243 12.09 1.90 -9.05
C VAL B 243 11.95 1.16 -7.73
N ASN B 244 12.59 0.00 -7.64
CA ASN B 244 12.52 -0.86 -6.46
C ASN B 244 13.35 -0.23 -5.35
N TYR B 245 12.73 0.64 -4.55
CA TYR B 245 13.47 1.46 -3.60
C TYR B 245 13.20 1.04 -2.16
N GLY B 246 14.19 1.35 -1.30
CA GLY B 246 14.01 1.26 0.13
C GLY B 246 14.40 2.55 0.82
N VAL B 247 14.07 2.63 2.10
CA VAL B 247 14.29 3.81 2.93
C VAL B 247 14.92 3.35 4.24
N THR B 248 16.06 3.94 4.61
CA THR B 248 16.83 3.44 5.75
C THR B 248 17.47 4.60 6.48
N VAL B 249 18.21 4.25 7.54
CA VAL B 249 18.92 5.26 8.33
C VAL B 249 20.01 5.88 7.48
N LEU B 250 20.23 7.18 7.67
CA LEU B 250 21.27 7.89 6.96
C LEU B 250 22.64 7.35 7.38
N PRO B 251 23.64 7.46 6.50
CA PRO B 251 24.98 6.99 6.86
C PRO B 251 25.57 7.79 8.01
N THR B 252 26.40 7.13 8.80
CA THR B 252 27.16 7.81 9.83
C THR B 252 28.35 8.54 9.21
N PHE B 253 28.92 9.46 9.99
CA PHE B 253 30.14 10.17 9.60
C PHE B 253 31.02 10.27 10.84
N LYS B 254 32.24 9.76 10.75
CA LYS B 254 33.13 9.62 11.91
C LYS B 254 32.48 8.80 13.01
N GLY B 255 31.68 7.80 12.62
CA GLY B 255 30.97 6.98 13.58
C GLY B 255 29.75 7.64 14.20
N GLN B 256 29.45 8.86 13.85
CA GLN B 256 28.32 9.54 14.48
C GLN B 256 27.13 9.59 13.53
N PRO B 257 25.91 9.49 14.05
CA PRO B 257 24.73 9.53 13.18
C PRO B 257 24.62 10.87 12.46
N SER B 258 24.09 10.82 11.25
CA SER B 258 23.72 12.06 10.57
C SER B 258 22.54 12.69 11.30
N LYS B 259 22.53 14.03 11.34
CA LYS B 259 21.60 14.78 12.18
C LYS B 259 20.73 15.67 11.30
N PRO B 260 19.71 15.10 10.66
CA PRO B 260 18.78 15.92 9.90
C PRO B 260 17.92 16.77 10.83
N PHE B 261 17.41 17.87 10.29
CA PHE B 261 16.46 18.68 11.04
C PHE B 261 15.14 17.93 11.18
N VAL B 262 14.52 18.06 12.34
CA VAL B 262 13.26 17.39 12.66
C VAL B 262 12.15 18.42 12.70
N GLY B 263 11.06 18.13 11.97
CA GLY B 263 9.84 18.94 12.05
C GLY B 263 8.74 18.13 12.68
N VAL B 264 8.07 18.73 13.67
CA VAL B 264 7.05 18.06 14.49
C VAL B 264 5.73 18.78 14.26
N LEU B 265 4.84 18.15 13.49
CA LEU B 265 3.50 18.69 13.35
C LEU B 265 2.82 18.68 14.72
N SER B 266 2.33 19.84 15.14
CA SER B 266 1.85 20.00 16.51
C SER B 266 0.54 20.77 16.50
N ALA B 267 -0.22 20.61 17.59
CA ALA B 267 -1.53 21.26 17.74
C ALA B 267 -1.44 22.24 18.90
N GLY B 268 -1.57 23.54 18.60
CA GLY B 268 -1.56 24.57 19.61
C GLY B 268 -2.95 25.07 19.89
N ILE B 269 -3.14 25.62 21.09
CA ILE B 269 -4.42 26.13 21.55
C ILE B 269 -4.37 27.66 21.57
N ASN B 270 -5.33 28.28 20.89
CA ASN B 270 -5.42 29.74 20.85
C ASN B 270 -5.58 30.30 22.27
N ALA B 271 -4.71 31.24 22.63
CA ALA B 271 -4.84 31.91 23.92
C ALA B 271 -6.21 32.56 24.08
N ALA B 272 -6.83 32.98 22.99
CA ALA B 272 -8.14 33.60 23.04
C ALA B 272 -9.28 32.59 23.09
N SER B 273 -8.98 31.30 23.03
CA SER B 273 -10.02 30.28 23.02
C SER B 273 -10.73 30.24 24.37
N PRO B 274 -12.06 30.39 24.41
CA PRO B 274 -12.81 30.11 25.63
C PRO B 274 -13.08 28.63 25.86
N ASN B 275 -12.43 27.75 25.10
CA ASN B 275 -12.68 26.32 25.13
C ASN B 275 -11.38 25.55 25.34
N LYS B 276 -10.48 26.11 26.17
CA LYS B 276 -9.17 25.50 26.36
C LYS B 276 -9.29 24.09 26.96
N GLU B 277 -10.21 23.91 27.91
CA GLU B 277 -10.38 22.59 28.51
C GLU B 277 -10.99 21.60 27.54
N LEU B 278 -11.92 22.06 26.69
CA LEU B 278 -12.47 21.18 25.66
C LEU B 278 -11.41 20.80 24.64
N ALA B 279 -10.54 21.75 24.28
CA ALA B 279 -9.46 21.44 23.35
C ALA B 279 -8.49 20.44 23.95
N LYS B 280 -8.10 20.66 25.22
CA LYS B 280 -7.23 19.71 25.90
C LYS B 280 -7.84 18.31 25.88
N GLU B 281 -9.13 18.20 26.18
CA GLU B 281 -9.79 16.90 26.19
C GLU B 281 -9.80 16.27 24.80
N PHE B 282 -10.12 17.06 23.78
CA PHE B 282 -10.13 16.53 22.41
C PHE B 282 -8.74 16.04 22.01
N LEU B 283 -7.71 16.83 22.30
CA LEU B 283 -6.38 16.52 21.81
C LEU B 283 -5.76 15.36 22.58
N GLU B 284 -6.00 15.28 23.89
CA GLU B 284 -5.37 14.25 24.69
C GLU B 284 -6.15 12.94 24.67
N ASN B 285 -7.48 13.00 24.67
CA ASN B 285 -8.30 11.83 24.88
C ASN B 285 -8.95 11.28 23.63
N TYR B 286 -8.85 11.97 22.49
CA TYR B 286 -9.49 11.47 21.28
C TYR B 286 -8.51 11.43 20.11
N LEU B 287 -7.81 12.54 19.85
CA LEU B 287 -6.90 12.57 18.71
C LEU B 287 -5.63 11.78 19.01
N LEU B 288 -4.92 12.13 20.09
CA LEU B 288 -3.66 11.48 20.43
C LEU B 288 -3.93 10.11 21.07
N THR B 289 -4.64 9.28 20.31
CA THR B 289 -4.89 7.88 20.62
C THR B 289 -4.63 7.07 19.36
N ASP B 290 -4.56 5.73 19.52
CA ASP B 290 -4.41 4.87 18.35
C ASP B 290 -5.54 5.11 17.35
N GLU B 291 -6.77 5.12 17.86
CA GLU B 291 -7.94 5.28 17.00
C GLU B 291 -7.98 6.66 16.36
N GLY B 292 -7.56 7.69 17.09
CA GLY B 292 -7.62 9.04 16.55
C GLY B 292 -6.59 9.29 15.47
N LEU B 293 -5.34 8.88 15.73
CA LEU B 293 -4.30 9.04 14.72
C LEU B 293 -4.55 8.16 13.51
N GLU B 294 -5.16 7.00 13.70
CA GLU B 294 -5.44 6.12 12.57
C GLU B 294 -6.46 6.76 11.63
N ALA B 295 -7.44 7.47 12.19
CA ALA B 295 -8.44 8.12 11.36
C ALA B 295 -7.81 9.19 10.47
N VAL B 296 -6.91 10.00 11.04
CA VAL B 296 -6.22 11.00 10.24
C VAL B 296 -5.30 10.32 9.23
N ASN B 297 -4.56 9.30 9.67
CA ASN B 297 -3.57 8.66 8.81
C ASN B 297 -4.23 7.98 7.62
N LYS B 298 -5.41 7.40 7.80
CA LYS B 298 -6.10 6.77 6.69
C LYS B 298 -6.61 7.78 5.67
N ASP B 299 -6.79 9.04 6.08
CA ASP B 299 -7.11 10.09 5.12
C ASP B 299 -5.86 10.50 4.34
N LYS B 300 -4.90 11.11 5.02
CA LYS B 300 -3.58 11.42 4.48
C LYS B 300 -2.54 10.88 5.45
N PRO B 301 -1.58 10.08 4.99
CA PRO B 301 -0.61 9.50 5.93
C PRO B 301 0.18 10.58 6.67
N LEU B 302 0.27 10.42 7.99
CA LEU B 302 1.03 11.34 8.82
C LEU B 302 2.54 11.09 8.78
N GLY B 303 2.97 9.98 8.21
CA GLY B 303 4.35 9.57 8.35
C GLY B 303 4.58 8.95 9.72
N ALA B 304 5.69 9.29 10.37
CA ALA B 304 5.93 8.87 11.74
C ALA B 304 5.13 9.75 12.68
N VAL B 305 4.74 9.18 13.82
CA VAL B 305 3.88 9.90 14.74
C VAL B 305 4.53 9.94 16.12
N ALA B 306 4.17 10.98 16.89
CA ALA B 306 4.75 11.15 18.21
C ALA B 306 4.20 10.17 19.24
N LEU B 307 3.06 9.54 18.95
CA LEU B 307 2.42 8.64 19.90
C LEU B 307 3.09 7.27 19.84
N LYS B 308 3.69 6.85 20.96
CA LYS B 308 4.52 5.64 20.96
C LYS B 308 3.75 4.43 20.48
N SER B 309 2.54 4.22 21.02
CA SER B 309 1.81 2.99 20.73
C SER B 309 1.46 2.91 19.24
N TYR B 310 0.98 4.00 18.64
CA TYR B 310 0.61 3.93 17.24
C TYR B 310 1.83 3.95 16.32
N GLU B 311 2.92 4.60 16.73
CA GLU B 311 4.13 4.58 15.91
C GLU B 311 4.68 3.16 15.81
N GLU B 312 4.63 2.40 16.90
CA GLU B 312 5.13 1.02 16.86
C GLU B 312 4.35 0.18 15.85
N GLU B 313 3.08 0.51 15.62
CA GLU B 313 2.32 -0.16 14.56
C GLU B 313 2.69 0.39 13.19
N LEU B 314 2.79 1.72 13.07
CA LEU B 314 3.17 2.32 11.80
C LEU B 314 4.58 1.91 11.38
N ALA B 315 5.47 1.68 12.35
CA ALA B 315 6.86 1.28 12.10
C ALA B 315 6.99 -0.12 11.51
N LYS B 316 5.90 -0.86 11.34
CA LYS B 316 5.96 -2.06 10.52
C LYS B 316 6.35 -1.74 9.09
N ASP B 317 5.98 -0.56 8.60
CA ASP B 317 6.51 -0.02 7.36
C ASP B 317 7.93 0.44 7.61
N PRO B 318 8.96 -0.25 7.09
CA PRO B 318 10.35 0.14 7.41
C PRO B 318 10.70 1.55 6.96
N ARG B 319 10.01 2.08 5.94
CA ARG B 319 10.21 3.49 5.57
C ARG B 319 9.85 4.42 6.72
N ILE B 320 8.74 4.13 7.41
CA ILE B 320 8.35 4.95 8.56
C ILE B 320 9.28 4.72 9.72
N ALA B 321 9.71 3.46 9.93
CA ALA B 321 10.71 3.18 10.95
C ALA B 321 11.98 3.98 10.71
N ALA B 322 12.43 4.06 9.46
CA ALA B 322 13.63 4.82 9.14
C ALA B 322 13.42 6.31 9.40
N THR B 323 12.24 6.82 9.05
CA THR B 323 11.96 8.23 9.32
C THR B 323 12.09 8.52 10.81
N MET B 324 11.49 7.66 11.66
CA MET B 324 11.57 7.89 13.10
C MET B 324 12.99 7.72 13.62
N GLU B 325 13.75 6.75 13.10
CA GLU B 325 15.11 6.57 13.58
C GLU B 325 15.96 7.79 13.27
N ASN B 326 15.85 8.31 12.04
CA ASN B 326 16.60 9.50 11.67
C ASN B 326 16.13 10.73 12.45
N ALA B 327 14.84 10.78 12.77
CA ALA B 327 14.32 11.88 13.58
C ALA B 327 14.92 11.86 14.99
N GLN B 328 14.95 10.70 15.63
CA GLN B 328 15.49 10.59 16.98
C GLN B 328 16.98 10.93 17.00
N LYS B 329 17.68 10.68 15.90
CA LYS B 329 19.08 11.01 15.80
C LYS B 329 19.33 12.42 15.27
N GLY B 330 18.27 13.17 14.95
CA GLY B 330 18.39 14.44 14.28
C GLY B 330 18.39 15.62 15.24
N GLU B 331 18.25 16.81 14.65
CA GLU B 331 18.26 18.06 15.37
C GLU B 331 16.89 18.71 15.24
N ILE B 332 16.20 18.93 16.36
CA ILE B 332 14.92 19.62 16.30
C ILE B 332 15.12 20.99 15.67
N MET B 333 14.30 21.32 14.69
CA MET B 333 14.45 22.61 14.05
C MET B 333 14.13 23.70 15.05
N PRO B 334 15.05 24.64 15.29
CA PRO B 334 14.79 25.67 16.30
C PRO B 334 13.56 26.50 15.96
N ASN B 335 12.81 26.88 16.99
CA ASN B 335 11.58 27.65 16.81
C ASN B 335 11.79 29.13 17.11
N ILE B 336 12.95 29.68 16.78
CA ILE B 336 13.26 31.08 17.04
C ILE B 336 13.36 31.84 15.73
N PRO B 337 13.10 33.15 15.71
CA PRO B 337 13.16 33.90 14.43
C PRO B 337 14.54 33.95 13.82
N GLN B 338 15.60 33.82 14.62
CA GLN B 338 16.95 33.90 14.09
C GLN B 338 17.29 32.76 13.13
N MET B 339 16.41 31.76 12.99
CA MET B 339 16.66 30.70 12.02
C MET B 339 16.72 31.24 10.59
N SER B 340 15.98 32.32 10.30
CA SER B 340 16.06 32.92 8.97
C SER B 340 17.48 33.38 8.66
N ALA B 341 18.20 33.86 9.68
CA ALA B 341 19.61 34.20 9.49
C ALA B 341 20.45 32.95 9.29
N PHE B 342 20.16 31.89 10.05
CA PHE B 342 20.89 30.63 9.90
C PHE B 342 20.75 30.09 8.48
N TRP B 343 19.52 30.06 7.95
CA TRP B 343 19.30 29.56 6.60
C TRP B 343 20.14 30.34 5.59
N TYR B 344 20.03 31.67 5.61
CA TYR B 344 20.76 32.50 4.66
C TYR B 344 22.26 32.31 4.80
N ALA B 345 22.75 32.21 6.04
CA ALA B 345 24.19 32.10 6.27
C ALA B 345 24.73 30.75 5.81
N VAL B 346 24.12 29.66 6.27
CA VAL B 346 24.59 28.33 5.90
C VAL B 346 24.46 28.11 4.40
N ARG B 347 23.39 28.64 3.80
CA ARG B 347 23.19 28.50 2.36
C ARG B 347 24.36 29.14 1.60
N THR B 348 24.74 30.35 2.00
CA THR B 348 25.85 31.02 1.34
C THR B 348 27.16 30.25 1.53
N ALA B 349 27.38 29.73 2.73
CA ALA B 349 28.65 29.05 3.01
C ALA B 349 28.76 27.75 2.23
N VAL B 350 27.70 26.95 2.19
CA VAL B 350 27.73 25.69 1.46
C VAL B 350 27.94 25.95 -0.03
N ILE B 351 27.18 26.89 -0.59
CA ILE B 351 27.34 27.22 -2.01
C ILE B 351 28.74 27.75 -2.27
N ASN B 352 29.29 28.55 -1.36
CA ASN B 352 30.63 29.10 -1.57
C ASN B 352 31.70 28.02 -1.43
N ALA B 353 31.53 27.11 -0.45
CA ALA B 353 32.50 26.04 -0.30
C ALA B 353 32.37 25.02 -1.43
N ALA B 354 31.14 24.67 -1.80
CA ALA B 354 30.94 23.68 -2.86
C ALA B 354 31.31 24.24 -4.22
N SER B 355 31.15 25.55 -4.43
CA SER B 355 31.54 26.17 -5.69
C SER B 355 33.05 26.30 -5.81
N GLY B 356 33.79 26.23 -4.70
CA GLY B 356 35.21 26.50 -4.71
C GLY B 356 35.56 27.96 -4.60
N ARG B 357 34.58 28.86 -4.63
CA ARG B 357 34.82 30.30 -4.47
C ARG B 357 35.39 30.66 -3.10
N GLN B 358 35.60 29.67 -2.23
CA GLN B 358 36.01 29.90 -0.85
C GLN B 358 36.34 28.54 -0.23
N THR B 359 37.32 28.51 0.67
CA THR B 359 37.63 27.28 1.36
C THR B 359 36.56 27.01 2.43
N VAL B 360 36.55 25.77 2.94
CA VAL B 360 35.54 25.40 3.92
C VAL B 360 35.72 26.20 5.21
N ASP B 361 36.97 26.33 5.68
CA ASP B 361 37.25 27.15 6.85
C ASP B 361 36.75 28.57 6.63
N GLU B 362 37.25 29.25 5.60
CA GLU B 362 36.81 30.62 5.31
C GLU B 362 35.31 30.71 5.17
N ALA B 363 34.67 29.70 4.57
CA ALA B 363 33.23 29.73 4.38
C ALA B 363 32.50 29.73 5.73
N LEU B 364 32.87 28.81 6.62
CA LEU B 364 32.15 28.68 7.88
C LEU B 364 32.49 29.78 8.88
N LYS B 365 33.62 30.47 8.72
CA LYS B 365 33.88 31.63 9.58
C LYS B 365 32.94 32.77 9.26
N ASP B 366 32.57 32.93 7.99
CA ASP B 366 31.65 34.00 7.61
C ASP B 366 30.22 33.69 8.02
N ALA B 367 29.81 32.42 8.02
CA ALA B 367 28.45 32.06 8.39
C ALA B 367 28.19 32.30 9.87
N GLN B 368 29.21 32.15 10.72
CA GLN B 368 29.07 32.30 12.16
C GLN B 368 28.93 33.75 12.60
N THR B 369 29.41 34.70 11.81
CA THR B 369 29.58 36.07 12.28
C THR B 369 28.35 36.98 12.18
N PRO B 370 27.28 36.62 11.42
CA PRO B 370 26.18 37.57 11.56
C PRO B 370 24.94 36.97 12.23
N PRO C 2 -33.10 -11.51 10.25
CA PRO C 2 -32.69 -12.91 10.10
C PRO C 2 -31.81 -13.12 8.87
N SER C 3 -30.50 -12.97 9.04
CA SER C 3 -29.59 -13.12 7.92
C SER C 3 -29.66 -14.54 7.35
N GLN C 4 -29.46 -14.64 6.04
CA GLN C 4 -29.59 -15.92 5.36
C GLN C 4 -28.59 -16.94 5.89
N VAL C 5 -27.44 -16.49 6.37
CA VAL C 5 -26.40 -17.36 6.92
C VAL C 5 -26.00 -16.81 8.28
N GLN C 6 -26.03 -17.67 9.29
CA GLN C 6 -25.64 -17.31 10.65
C GLN C 6 -24.38 -18.07 11.01
N LEU C 7 -23.31 -17.33 11.30
CA LEU C 7 -22.07 -17.90 11.80
C LEU C 7 -21.91 -17.47 13.25
N VAL C 8 -21.64 -18.43 14.13
CA VAL C 8 -21.38 -18.14 15.54
C VAL C 8 -20.02 -18.71 15.91
N GLU C 9 -19.22 -17.90 16.59
CA GLU C 9 -17.84 -18.25 16.90
C GLU C 9 -17.68 -18.42 18.40
N SER C 10 -17.04 -19.51 18.81
CA SER C 10 -16.59 -19.72 20.18
C SER C 10 -15.17 -20.25 20.13
N GLY C 11 -14.61 -20.49 21.31
CA GLY C 11 -13.26 -20.99 21.44
C GLY C 11 -12.23 -19.97 21.86
N GLY C 12 -12.62 -18.71 22.03
CA GLY C 12 -11.67 -17.70 22.46
C GLY C 12 -11.10 -18.00 23.83
N GLY C 13 -9.88 -17.54 24.06
CA GLY C 13 -9.24 -17.76 25.34
C GLY C 13 -7.84 -17.18 25.32
N SER C 14 -7.13 -17.41 26.42
CA SER C 14 -5.76 -16.95 26.59
C SER C 14 -4.82 -18.15 26.71
N VAL C 15 -3.65 -18.04 26.10
CA VAL C 15 -2.61 -19.07 26.17
C VAL C 15 -1.25 -18.38 26.28
N GLN C 16 -0.23 -19.16 26.58
CA GLN C 16 1.13 -18.66 26.64
C GLN C 16 1.87 -18.98 25.35
N ALA C 17 2.93 -18.21 25.09
CA ALA C 17 3.70 -18.34 23.86
C ALA C 17 4.11 -19.79 23.60
N GLY C 18 3.85 -20.25 22.38
CA GLY C 18 4.08 -21.63 22.01
C GLY C 18 2.90 -22.55 22.23
N GLY C 19 1.89 -22.12 22.99
CA GLY C 19 0.73 -22.92 23.28
C GLY C 19 -0.24 -22.98 22.12
N SER C 20 -1.40 -23.59 22.38
CA SER C 20 -2.35 -23.89 21.32
C SER C 20 -3.76 -23.47 21.72
N LEU C 21 -4.62 -23.32 20.71
CA LEU C 21 -6.02 -22.99 20.88
C LEU C 21 -6.74 -23.22 19.57
N ARG C 22 -8.00 -23.66 19.65
CA ARG C 22 -8.79 -24.02 18.48
C ARG C 22 -10.14 -23.30 18.52
N LEU C 23 -10.46 -22.59 17.44
CA LEU C 23 -11.71 -21.87 17.30
C LEU C 23 -12.67 -22.65 16.41
N SER C 24 -13.96 -22.38 16.60
CA SER C 24 -15.01 -23.04 15.85
C SER C 24 -15.98 -21.99 15.31
N CYS C 25 -16.51 -22.26 14.12
CA CYS C 25 -17.45 -21.37 13.44
C CYS C 25 -18.65 -22.23 13.02
N ALA C 26 -19.74 -22.15 13.78
CA ALA C 26 -20.93 -22.94 13.51
C ALA C 26 -21.82 -22.18 12.54
N ALA C 27 -22.01 -22.74 11.35
CA ALA C 27 -22.84 -22.16 10.31
C ALA C 27 -24.21 -22.79 10.32
N SER C 28 -25.22 -22.02 9.90
CA SER C 28 -26.58 -22.50 9.82
C SER C 28 -27.32 -21.69 8.76
N GLY C 29 -28.32 -22.32 8.16
CA GLY C 29 -29.10 -21.66 7.12
C GLY C 29 -28.74 -22.13 5.73
N LYS C 30 -28.85 -21.24 4.75
CA LYS C 30 -28.52 -21.57 3.37
C LYS C 30 -27.00 -21.62 3.25
N ILE C 31 -26.44 -22.78 3.57
CA ILE C 31 -24.99 -22.94 3.65
C ILE C 31 -24.46 -23.95 2.64
N HIS C 32 -25.33 -24.67 1.92
CA HIS C 32 -24.87 -25.68 0.98
C HIS C 32 -24.15 -25.05 -0.21
N GLU C 33 -24.55 -23.84 -0.60
CA GLU C 33 -23.95 -23.17 -1.74
C GLU C 33 -22.74 -22.31 -1.35
N ILE C 34 -22.43 -22.22 -0.05
CA ILE C 34 -21.27 -21.47 0.39
C ILE C 34 -20.02 -22.04 -0.25
N GLY C 35 -19.32 -21.21 -1.03
CA GLY C 35 -18.13 -21.66 -1.71
C GLY C 35 -16.86 -21.39 -0.92
N TYR C 36 -16.89 -20.38 -0.06
CA TYR C 36 -15.67 -19.92 0.62
C TYR C 36 -15.95 -19.67 2.09
N LEU C 37 -14.99 -20.07 2.93
CA LEU C 37 -15.02 -19.82 4.35
C LEU C 37 -13.68 -19.26 4.76
N GLY C 38 -13.69 -18.21 5.59
CA GLY C 38 -12.48 -17.48 5.88
C GLY C 38 -12.34 -17.17 7.36
N TRP C 39 -11.10 -16.92 7.77
CA TRP C 39 -10.77 -16.51 9.12
C TRP C 39 -10.00 -15.20 9.06
N PHE C 40 -10.50 -14.18 9.77
CA PHE C 40 -9.90 -12.85 9.80
C PHE C 40 -9.71 -12.42 11.24
N ARG C 41 -8.69 -11.60 11.48
CA ARG C 41 -8.43 -11.10 12.82
C ARG C 41 -8.33 -9.58 12.82
N GLN C 42 -8.84 -8.97 13.88
CA GLN C 42 -8.81 -7.52 14.06
C GLN C 42 -8.26 -7.20 15.44
N ALA C 43 -7.07 -6.65 15.49
CA ALA C 43 -6.60 -6.07 16.72
C ALA C 43 -7.07 -4.63 16.83
N PRO C 44 -7.26 -4.11 18.04
CA PRO C 44 -7.72 -2.71 18.17
C PRO C 44 -6.69 -1.74 17.61
N GLY C 45 -7.18 -0.75 16.86
CA GLY C 45 -6.30 0.20 16.22
C GLY C 45 -5.47 -0.36 15.07
N LYS C 46 -5.61 -1.64 14.76
CA LYS C 46 -4.94 -2.26 13.64
C LYS C 46 -5.94 -2.57 12.52
N GLU C 47 -5.42 -2.70 11.31
CA GLU C 47 -6.26 -3.07 10.19
C GLU C 47 -6.58 -4.56 10.25
N ARG C 48 -7.69 -4.92 9.60
CA ARG C 48 -8.11 -6.31 9.52
C ARG C 48 -7.26 -7.06 8.50
N GLU C 49 -6.75 -8.23 8.89
CA GLU C 49 -5.97 -9.06 7.97
C GLU C 49 -6.58 -10.44 7.87
N GLY C 50 -6.52 -11.00 6.66
CA GLY C 50 -6.96 -12.37 6.44
C GLY C 50 -5.90 -13.35 6.88
N VAL C 51 -6.32 -14.37 7.62
CA VAL C 51 -5.40 -15.33 8.22
C VAL C 51 -5.46 -16.69 7.51
N ALA C 52 -6.67 -17.20 7.28
CA ALA C 52 -6.81 -18.50 6.64
C ALA C 52 -8.18 -18.58 5.99
N ALA C 53 -8.23 -19.26 4.84
CA ALA C 53 -9.47 -19.43 4.10
C ALA C 53 -9.52 -20.83 3.50
N LEU C 54 -10.74 -21.27 3.18
CA LEU C 54 -10.98 -22.61 2.66
C LEU C 54 -12.00 -22.52 1.53
N MET C 55 -11.70 -23.18 0.41
CA MET C 55 -12.64 -23.29 -0.70
C MET C 55 -13.42 -24.59 -0.53
N THR C 56 -14.73 -24.47 -0.29
CA THR C 56 -15.51 -25.61 0.17
C THR C 56 -15.63 -26.74 -0.86
N PHE C 57 -15.30 -26.48 -2.12
CA PHE C 57 -15.45 -27.54 -3.12
C PHE C 57 -14.41 -28.64 -2.90
N GLN C 58 -13.17 -28.39 -3.29
CA GLN C 58 -12.10 -29.36 -3.10
C GLN C 58 -11.45 -29.25 -1.72
N GLY C 59 -11.88 -28.31 -0.89
CA GLY C 59 -11.26 -28.13 0.40
C GLY C 59 -9.91 -27.46 0.38
N GLN C 60 -9.52 -26.86 -0.75
CA GLN C 60 -8.27 -26.15 -0.83
C GLN C 60 -8.21 -25.04 0.22
N THR C 61 -7.03 -24.88 0.83
CA THR C 61 -6.83 -23.90 1.87
C THR C 61 -5.80 -22.87 1.42
N TYR C 62 -5.84 -21.70 2.07
CA TYR C 62 -4.94 -20.61 1.80
C TYR C 62 -4.63 -19.92 3.12
N TYR C 63 -3.37 -19.50 3.30
CA TYR C 63 -2.93 -18.93 4.56
C TYR C 63 -2.10 -17.69 4.32
N ALA C 64 -2.23 -16.73 5.25
CA ALA C 64 -1.34 -15.57 5.26
C ALA C 64 0.07 -16.01 5.62
N ASP C 65 1.06 -15.27 5.10
CA ASP C 65 2.46 -15.59 5.35
C ASP C 65 2.76 -15.66 6.85
N SER C 66 2.08 -14.85 7.66
CA SER C 66 2.42 -14.77 9.07
C SER C 66 2.02 -16.02 9.84
N VAL C 67 1.02 -16.76 9.36
CA VAL C 67 0.50 -17.91 10.09
C VAL C 67 0.69 -19.23 9.37
N LYS C 68 1.15 -19.22 8.11
CA LYS C 68 1.31 -20.45 7.36
C LYS C 68 2.30 -21.37 8.06
N GLY C 69 1.92 -22.64 8.20
CA GLY C 69 2.71 -23.60 8.94
C GLY C 69 2.35 -23.70 10.40
N ARG C 70 1.61 -22.74 10.94
CA ARG C 70 1.15 -22.75 12.33
C ARG C 70 -0.36 -22.90 12.46
N PHE C 71 -1.15 -22.30 11.57
CA PHE C 71 -2.60 -22.37 11.65
C PHE C 71 -3.14 -23.30 10.58
N THR C 72 -4.26 -23.97 10.89
CA THR C 72 -4.92 -24.86 9.95
C THR C 72 -6.42 -24.64 10.01
N VAL C 73 -7.02 -24.28 8.88
CA VAL C 73 -8.47 -24.20 8.75
C VAL C 73 -8.98 -25.50 8.16
N SER C 74 -10.15 -25.93 8.61
CA SER C 74 -10.73 -27.18 8.14
C SER C 74 -12.24 -27.11 8.29
N LEU C 75 -12.94 -28.01 7.59
CA LEU C 75 -14.40 -28.01 7.54
C LEU C 75 -14.91 -29.42 7.73
N ASP C 76 -15.68 -29.64 8.80
CA ASP C 76 -16.45 -30.86 8.98
C ASP C 76 -17.82 -30.64 8.37
N ASN C 77 -18.06 -31.24 7.21
CA ASN C 77 -19.34 -31.06 6.52
C ASN C 77 -20.50 -31.60 7.35
N ALA C 78 -20.28 -32.69 8.08
CA ALA C 78 -21.33 -33.25 8.92
C ALA C 78 -21.68 -32.31 10.06
N LYS C 79 -20.66 -31.81 10.76
CA LYS C 79 -20.89 -30.91 11.89
C LYS C 79 -21.32 -29.51 11.46
N ASN C 80 -21.23 -29.17 10.17
CA ASN C 80 -21.52 -27.82 9.68
C ASN C 80 -20.68 -26.78 10.39
N THR C 81 -19.49 -27.18 10.84
CA THR C 81 -18.61 -26.32 11.62
C THR C 81 -17.25 -26.23 10.93
N VAL C 82 -16.69 -25.03 10.88
CA VAL C 82 -15.34 -24.81 10.37
C VAL C 82 -14.46 -24.40 11.55
N TYR C 83 -13.31 -25.04 11.66
CA TYR C 83 -12.38 -24.83 12.76
C TYR C 83 -11.17 -24.06 12.30
N LEU C 84 -10.55 -23.34 13.23
CA LEU C 84 -9.24 -22.73 13.04
C LEU C 84 -8.35 -23.23 14.18
N GLN C 85 -7.61 -24.30 13.91
CA GLN C 85 -6.63 -24.82 14.88
C GLN C 85 -5.38 -23.97 14.81
N MET C 86 -4.99 -23.39 15.96
CA MET C 86 -3.90 -22.42 16.01
C MET C 86 -2.76 -22.99 16.85
N ASN C 87 -1.65 -23.30 16.19
CA ASN C 87 -0.49 -23.93 16.82
C ASN C 87 0.63 -22.93 16.99
N SER C 88 1.47 -23.19 18.01
CA SER C 88 2.68 -22.41 18.25
C SER C 88 2.38 -20.92 18.26
N LEU C 89 1.38 -20.54 19.05
CA LEU C 89 0.88 -19.17 19.04
C LEU C 89 1.95 -18.19 19.51
N LYS C 90 1.92 -16.99 18.94
CA LYS C 90 2.82 -15.89 19.21
C LYS C 90 2.04 -14.67 19.66
N PRO C 91 2.66 -13.76 20.43
CA PRO C 91 1.94 -12.54 20.83
C PRO C 91 1.52 -11.65 19.67
N GLU C 92 2.12 -11.84 18.48
CA GLU C 92 1.60 -11.20 17.28
C GLU C 92 0.17 -11.65 16.99
N ASP C 93 -0.19 -12.86 17.40
CA ASP C 93 -1.46 -13.46 17.02
C ASP C 93 -2.63 -12.99 17.88
N THR C 94 -2.38 -12.32 19.00
CA THR C 94 -3.49 -11.86 19.83
C THR C 94 -4.28 -10.80 19.07
N ALA C 95 -5.59 -11.02 18.96
CA ALA C 95 -6.50 -10.16 18.23
C ALA C 95 -7.90 -10.74 18.39
N LEU C 96 -8.89 -10.00 17.90
CA LEU C 96 -10.25 -10.51 17.78
C LEU C 96 -10.35 -11.28 16.47
N TYR C 97 -10.74 -12.54 16.54
CA TYR C 97 -10.81 -13.41 15.37
C TYR C 97 -12.26 -13.56 14.94
N TYR C 98 -12.51 -13.37 13.64
CA TYR C 98 -13.81 -13.54 13.02
C TYR C 98 -13.73 -14.62 11.95
N CYS C 99 -14.85 -15.31 11.75
CA CYS C 99 -15.03 -16.15 10.58
C CYS C 99 -16.01 -15.48 9.62
N ALA C 100 -15.93 -15.88 8.35
CA ALA C 100 -16.74 -15.25 7.31
C ALA C 100 -17.02 -16.27 6.22
N ALA C 101 -18.08 -15.99 5.44
CA ALA C 101 -18.53 -16.89 4.40
C ALA C 101 -18.97 -16.10 3.18
N ALA C 102 -18.81 -16.71 2.01
CA ALA C 102 -19.20 -16.10 0.74
C ALA C 102 -19.63 -17.18 -0.25
N TYR C 103 -20.46 -16.79 -1.20
CA TYR C 103 -20.85 -17.70 -2.27
C TYR C 103 -19.85 -17.71 -3.42
N TRP C 104 -19.23 -16.56 -3.69
CA TRP C 104 -18.25 -16.44 -4.75
C TRP C 104 -17.23 -15.40 -4.34
N GLY C 105 -16.27 -15.14 -5.22
CA GLY C 105 -15.25 -14.16 -4.94
C GLY C 105 -14.54 -13.67 -6.18
N LYS C 106 -14.19 -12.39 -6.21
CA LYS C 106 -13.43 -11.80 -7.30
C LYS C 106 -11.98 -11.55 -6.94
N GLN C 107 -11.61 -11.70 -5.66
CA GLN C 107 -10.28 -11.41 -5.18
C GLN C 107 -9.67 -12.66 -4.53
N SER C 108 -8.54 -12.45 -3.86
CA SER C 108 -7.97 -13.51 -3.03
C SER C 108 -8.98 -13.92 -1.97
N PRO C 109 -9.10 -15.22 -1.69
CA PRO C 109 -9.98 -15.65 -0.59
C PRO C 109 -9.55 -15.14 0.78
N LEU C 110 -8.37 -14.52 0.87
CA LEU C 110 -7.88 -13.94 2.12
C LEU C 110 -8.23 -12.46 2.26
N ILE C 111 -9.04 -11.91 1.35
CA ILE C 111 -9.48 -10.52 1.40
C ILE C 111 -10.88 -10.48 1.99
N SER C 112 -11.10 -9.58 2.94
CA SER C 112 -12.34 -9.58 3.71
C SER C 112 -13.53 -9.06 2.93
N TRP C 113 -13.28 -8.23 1.91
CA TRP C 113 -14.36 -7.41 1.36
C TRP C 113 -15.41 -8.23 0.62
N ASP C 114 -15.04 -9.35 0.01
CA ASP C 114 -15.98 -10.09 -0.81
C ASP C 114 -16.72 -11.17 -0.05
N TYR C 115 -16.52 -11.27 1.26
CA TYR C 115 -17.32 -12.16 2.10
C TYR C 115 -18.55 -11.42 2.59
N SER C 116 -19.70 -12.08 2.52
CA SER C 116 -20.98 -11.45 2.80
C SER C 116 -21.55 -11.79 4.17
N TYR C 117 -21.03 -12.80 4.85
CA TYR C 117 -21.56 -13.23 6.14
C TYR C 117 -20.44 -13.27 7.17
N TRP C 118 -20.70 -12.69 8.34
CA TRP C 118 -19.70 -12.53 9.37
C TRP C 118 -20.26 -12.94 10.72
N GLY C 119 -19.44 -13.63 11.51
CA GLY C 119 -19.80 -14.01 12.86
C GLY C 119 -19.71 -12.83 13.81
N GLN C 120 -19.66 -13.16 15.11
CA GLN C 120 -19.58 -12.15 16.15
C GLN C 120 -18.14 -11.88 16.57
N GLY C 121 -17.27 -12.86 16.47
CA GLY C 121 -15.88 -12.70 16.85
C GLY C 121 -15.56 -13.36 18.18
N THR C 122 -14.28 -13.67 18.37
CA THR C 122 -13.80 -14.23 19.62
C THR C 122 -12.38 -13.74 19.86
N GLN C 123 -12.10 -13.34 21.10
CA GLN C 123 -10.80 -12.79 21.45
C GLN C 123 -9.80 -13.90 21.73
N VAL C 124 -8.63 -13.79 21.11
CA VAL C 124 -7.50 -14.70 21.35
C VAL C 124 -6.37 -13.85 21.92
N THR C 125 -5.87 -14.25 23.08
CA THR C 125 -4.77 -13.54 23.73
C THR C 125 -3.66 -14.54 24.04
N VAL C 126 -2.44 -14.23 23.63
CA VAL C 126 -1.29 -15.07 23.94
C VAL C 126 -0.15 -14.17 24.41
N SER C 127 0.57 -14.63 25.43
CA SER C 127 1.54 -13.81 26.12
C SER C 127 2.84 -14.58 26.30
N ALA C 128 3.87 -13.87 26.74
CA ALA C 128 5.16 -14.47 27.05
C ALA C 128 5.37 -14.54 28.56
N GLN D 4 34.82 -9.88 13.84
CA GLN D 4 34.02 -10.67 12.92
C GLN D 4 34.32 -10.29 11.48
N VAL D 5 34.75 -11.27 10.68
CA VAL D 5 34.94 -11.04 9.25
C VAL D 5 33.59 -10.80 8.60
N GLN D 6 33.49 -9.72 7.84
CA GLN D 6 32.25 -9.33 7.19
C GLN D 6 32.42 -9.30 5.67
N LEU D 7 31.34 -9.62 4.97
CA LEU D 7 31.34 -9.63 3.51
C LEU D 7 30.10 -8.89 3.02
N VAL D 8 30.30 -7.91 2.14
CA VAL D 8 29.21 -7.21 1.48
C VAL D 8 29.23 -7.61 0.02
N GLU D 9 28.07 -7.95 -0.52
CA GLU D 9 27.97 -8.52 -1.86
C GLU D 9 27.42 -7.49 -2.84
N SER D 10 27.68 -7.73 -4.12
CA SER D 10 27.35 -6.79 -5.18
C SER D 10 27.48 -7.51 -6.51
N GLY D 11 27.48 -6.73 -7.60
CA GLY D 11 27.76 -7.24 -8.93
C GLY D 11 26.60 -7.92 -9.63
N GLY D 12 25.54 -8.28 -8.91
CA GLY D 12 24.45 -9.03 -9.50
C GLY D 12 23.76 -8.27 -10.63
N GLY D 13 22.95 -9.02 -11.37
CA GLY D 13 22.21 -8.43 -12.48
C GLY D 13 21.40 -9.47 -13.20
N SER D 14 20.60 -8.98 -14.16
CA SER D 14 19.84 -9.81 -15.08
C SER D 14 20.32 -9.50 -16.49
N VAL D 15 20.83 -10.51 -17.19
CA VAL D 15 21.35 -10.35 -18.54
C VAL D 15 20.84 -11.52 -19.39
N GLN D 16 21.11 -11.44 -20.68
CA GLN D 16 20.71 -12.51 -21.58
C GLN D 16 21.84 -13.52 -21.73
N ALA D 17 21.47 -14.72 -22.19
CA ALA D 17 22.44 -15.77 -22.44
C ALA D 17 23.47 -15.30 -23.45
N GLY D 18 24.68 -15.85 -23.35
CA GLY D 18 25.81 -15.37 -24.13
C GLY D 18 26.46 -14.12 -23.58
N GLY D 19 25.78 -13.39 -22.70
CA GLY D 19 26.39 -12.27 -22.03
C GLY D 19 27.28 -12.72 -20.88
N SER D 20 27.87 -11.74 -20.20
CA SER D 20 28.72 -12.01 -19.06
C SER D 20 28.32 -11.12 -17.89
N LEU D 21 28.86 -11.44 -16.73
CA LEU D 21 28.66 -10.66 -15.52
C LEU D 21 29.89 -10.83 -14.65
N ARG D 22 30.09 -9.86 -13.75
CA ARG D 22 31.16 -9.93 -12.76
C ARG D 22 30.56 -9.66 -11.39
N LEU D 23 30.66 -10.64 -10.50
CA LEU D 23 30.20 -10.47 -9.14
C LEU D 23 31.36 -10.02 -8.27
N SER D 24 31.05 -9.19 -7.28
CA SER D 24 32.01 -8.73 -6.30
C SER D 24 31.49 -9.01 -4.90
N CYS D 25 32.40 -8.91 -3.92
CA CYS D 25 32.12 -9.25 -2.53
C CYS D 25 33.19 -8.64 -1.63
N ALA D 26 32.91 -7.51 -0.99
CA ALA D 26 33.95 -6.81 -0.26
C ALA D 26 34.13 -7.39 1.14
N ALA D 27 35.37 -7.68 1.50
CA ALA D 27 35.72 -8.23 2.81
C ALA D 27 36.20 -7.12 3.72
N SER D 28 35.70 -7.10 4.96
CA SER D 28 36.09 -6.10 5.94
C SER D 28 36.40 -6.79 7.26
N GLY D 29 37.38 -6.22 7.98
CA GLY D 29 37.71 -6.69 9.32
C GLY D 29 39.03 -7.42 9.42
N LYS D 30 39.05 -8.47 10.24
CA LYS D 30 40.24 -9.30 10.44
C LYS D 30 40.55 -10.20 9.25
N ILE D 31 40.45 -9.66 8.03
CA ILE D 31 40.48 -10.47 6.81
C ILE D 31 41.87 -10.90 6.39
N HIS D 32 42.91 -10.52 7.13
CA HIS D 32 44.27 -10.78 6.67
C HIS D 32 44.60 -12.27 6.64
N GLU D 33 44.23 -13.00 7.69
CA GLU D 33 44.62 -14.39 7.84
C GLU D 33 43.76 -15.36 7.05
N ILE D 34 42.83 -14.86 6.23
CA ILE D 34 41.96 -15.74 5.46
C ILE D 34 42.79 -16.61 4.52
N GLY D 35 42.43 -17.89 4.41
CA GLY D 35 43.12 -18.79 3.53
C GLY D 35 42.31 -19.28 2.35
N TYR D 36 40.98 -19.17 2.44
CA TYR D 36 40.11 -19.70 1.41
C TYR D 36 38.94 -18.75 1.16
N LEU D 37 38.65 -18.52 -0.12
CA LEU D 37 37.49 -17.75 -0.52
C LEU D 37 36.76 -18.50 -1.63
N GLY D 38 35.45 -18.62 -1.49
CA GLY D 38 34.68 -19.42 -2.42
C GLY D 38 33.41 -18.72 -2.85
N TRP D 39 32.91 -19.12 -4.01
CA TRP D 39 31.62 -18.67 -4.51
C TRP D 39 30.67 -19.85 -4.56
N PHE D 40 29.48 -19.66 -4.00
CA PHE D 40 28.46 -20.70 -3.95
C PHE D 40 27.17 -20.13 -4.52
N ARG D 41 26.33 -21.02 -5.05
CA ARG D 41 25.06 -20.60 -5.59
C ARG D 41 23.97 -21.57 -5.16
N GLN D 42 22.74 -21.06 -5.12
CA GLN D 42 21.59 -21.84 -4.70
C GLN D 42 20.44 -21.53 -5.65
N ALA D 43 20.09 -22.52 -6.49
CA ALA D 43 19.00 -22.37 -7.42
C ALA D 43 17.66 -22.49 -6.70
N PRO D 44 16.60 -21.84 -7.23
CA PRO D 44 15.27 -21.91 -6.59
C PRO D 44 14.86 -23.30 -6.13
N GLY D 45 14.85 -23.50 -4.82
CA GLY D 45 14.43 -24.78 -4.26
C GLY D 45 15.36 -25.93 -4.56
N LYS D 46 16.67 -25.70 -4.54
CA LYS D 46 17.67 -26.73 -4.76
C LYS D 46 18.74 -26.62 -3.70
N GLU D 47 19.75 -27.48 -3.81
CA GLU D 47 20.87 -27.46 -2.88
C GLU D 47 21.80 -26.29 -3.21
N ARG D 48 22.57 -25.88 -2.21
CA ARG D 48 23.62 -24.89 -2.42
C ARG D 48 24.85 -25.59 -2.98
N GLU D 49 25.43 -25.02 -4.03
CA GLU D 49 26.45 -25.68 -4.83
C GLU D 49 27.72 -24.83 -4.87
N GLY D 50 28.85 -25.46 -4.59
CA GLY D 50 30.14 -24.79 -4.77
C GLY D 50 30.40 -24.54 -6.24
N VAL D 51 30.79 -23.32 -6.58
CA VAL D 51 31.03 -22.90 -7.96
C VAL D 51 32.52 -22.72 -8.22
N ALA D 52 33.20 -21.95 -7.37
CA ALA D 52 34.60 -21.66 -7.56
C ALA D 52 35.19 -21.31 -6.20
N ALA D 53 36.45 -21.69 -6.01
CA ALA D 53 37.14 -21.44 -4.76
C ALA D 53 38.60 -21.09 -5.04
N LEU D 54 39.19 -20.32 -4.12
CA LEU D 54 40.53 -19.80 -4.30
C LEU D 54 41.29 -19.90 -2.98
N MET D 55 42.43 -20.58 -3.01
CA MET D 55 43.36 -20.61 -1.89
C MET D 55 44.13 -19.28 -1.89
N THR D 56 43.86 -18.43 -0.90
CA THR D 56 44.32 -17.04 -0.95
C THR D 56 45.84 -16.91 -0.95
N PHE D 57 46.57 -17.96 -0.56
CA PHE D 57 48.01 -17.80 -0.38
C PHE D 57 48.75 -17.89 -1.70
N GLN D 58 48.77 -19.06 -2.33
CA GLN D 58 49.44 -19.26 -3.60
C GLN D 58 48.47 -19.23 -4.79
N GLY D 59 47.26 -18.76 -4.57
CA GLY D 59 46.38 -18.42 -5.68
C GLY D 59 45.80 -19.57 -6.46
N GLN D 60 45.87 -20.79 -5.95
CA GLN D 60 45.31 -21.92 -6.65
C GLN D 60 43.78 -21.81 -6.70
N THR D 61 43.20 -22.33 -7.77
CA THR D 61 41.77 -22.18 -8.05
C THR D 61 41.11 -23.54 -8.24
N TYR D 62 39.83 -23.60 -7.86
CA TYR D 62 39.04 -24.82 -7.93
C TYR D 62 37.67 -24.46 -8.50
N TYR D 63 37.20 -25.26 -9.45
CA TYR D 63 35.97 -24.95 -10.17
C TYR D 63 35.08 -26.17 -10.25
N ALA D 64 33.78 -25.96 -10.02
CA ALA D 64 32.80 -26.98 -10.31
C ALA D 64 32.78 -27.28 -11.80
N ASP D 65 32.49 -28.54 -12.15
CA ASP D 65 32.46 -28.93 -13.56
C ASP D 65 31.47 -28.10 -14.36
N SER D 66 30.41 -27.61 -13.72
CA SER D 66 29.36 -26.91 -14.45
C SER D 66 29.83 -25.56 -15.00
N VAL D 67 30.83 -24.95 -14.37
CA VAL D 67 31.31 -23.63 -14.76
C VAL D 67 32.77 -23.61 -15.16
N LYS D 68 33.47 -24.74 -15.03
CA LYS D 68 34.90 -24.78 -15.36
C LYS D 68 35.09 -24.36 -16.82
N GLY D 69 36.04 -23.45 -17.05
CA GLY D 69 36.28 -22.90 -18.37
C GLY D 69 35.40 -21.73 -18.73
N ARG D 70 34.35 -21.46 -17.98
CA ARG D 70 33.50 -20.28 -18.17
C ARG D 70 33.63 -19.26 -17.06
N PHE D 71 33.76 -19.70 -15.80
CA PHE D 71 33.91 -18.78 -14.68
C PHE D 71 35.37 -18.76 -14.22
N THR D 72 35.79 -17.61 -13.71
CA THR D 72 37.11 -17.45 -13.12
C THR D 72 36.98 -16.67 -11.83
N VAL D 73 37.56 -17.21 -10.75
CA VAL D 73 37.59 -16.56 -9.45
C VAL D 73 38.93 -15.86 -9.31
N SER D 74 38.90 -14.60 -8.86
CA SER D 74 40.11 -13.80 -8.70
C SER D 74 39.98 -12.92 -7.47
N LEU D 75 41.12 -12.61 -6.86
CA LEU D 75 41.20 -11.80 -5.65
C LEU D 75 42.15 -10.64 -5.90
N ASP D 76 41.67 -9.42 -5.67
CA ASP D 76 42.51 -8.23 -5.67
C ASP D 76 42.86 -7.95 -4.21
N ASN D 77 44.09 -8.32 -3.83
CA ASN D 77 44.53 -8.13 -2.45
C ASN D 77 44.54 -6.64 -2.09
N ALA D 78 45.10 -5.81 -2.96
CA ALA D 78 45.20 -4.38 -2.69
C ALA D 78 43.85 -3.72 -2.49
N LYS D 79 42.76 -4.37 -2.92
CA LYS D 79 41.43 -3.79 -2.81
C LYS D 79 40.49 -4.58 -1.89
N ASN D 80 40.95 -5.71 -1.34
CA ASN D 80 40.16 -6.51 -0.39
C ASN D 80 38.83 -6.95 -1.00
N THR D 81 38.91 -7.50 -2.22
CA THR D 81 37.71 -7.83 -2.98
C THR D 81 37.96 -9.05 -3.86
N VAL D 82 37.08 -10.05 -3.76
CA VAL D 82 37.12 -11.27 -4.55
C VAL D 82 36.12 -11.13 -5.70
N TYR D 83 36.52 -11.54 -6.89
CA TYR D 83 35.66 -11.42 -8.04
C TYR D 83 35.31 -12.79 -8.60
N LEU D 84 34.09 -12.91 -9.12
CA LEU D 84 33.65 -14.05 -9.89
C LEU D 84 33.33 -13.52 -11.29
N GLN D 85 34.25 -13.71 -12.24
CA GLN D 85 33.98 -13.37 -13.62
C GLN D 85 33.15 -14.49 -14.25
N MET D 86 31.97 -14.15 -14.73
CA MET D 86 30.99 -15.13 -15.22
C MET D 86 30.86 -14.92 -16.73
N ASN D 87 31.75 -15.54 -17.48
CA ASN D 87 31.69 -15.49 -18.93
C ASN D 87 30.70 -16.53 -19.46
N SER D 88 30.18 -16.27 -20.65
CA SER D 88 29.34 -17.20 -21.39
C SER D 88 28.19 -17.73 -20.53
N LEU D 89 27.40 -16.80 -20.02
CA LEU D 89 26.33 -17.16 -19.08
C LEU D 89 25.25 -17.98 -19.78
N LYS D 90 24.82 -19.04 -19.11
CA LYS D 90 23.75 -19.94 -19.55
C LYS D 90 22.52 -19.73 -18.67
N PRO D 91 21.33 -20.12 -19.16
CA PRO D 91 20.14 -20.04 -18.30
C PRO D 91 20.24 -20.87 -17.03
N GLU D 92 20.93 -22.01 -17.04
CA GLU D 92 21.04 -22.73 -15.78
C GLU D 92 22.02 -22.10 -14.81
N ASP D 93 22.65 -20.97 -15.17
CA ASP D 93 23.44 -20.21 -14.21
C ASP D 93 22.58 -19.34 -13.30
N THR D 94 21.27 -19.24 -13.56
CA THR D 94 20.39 -18.43 -12.72
C THR D 94 20.29 -19.06 -11.34
N ALA D 95 20.74 -18.32 -10.33
CA ALA D 95 20.67 -18.74 -8.94
C ALA D 95 21.03 -17.54 -8.09
N LEU D 96 20.78 -17.66 -6.79
CA LEU D 96 21.34 -16.72 -5.84
C LEU D 96 22.77 -17.12 -5.53
N TYR D 97 23.69 -16.18 -5.70
CA TYR D 97 25.12 -16.44 -5.58
C TYR D 97 25.64 -15.86 -4.28
N TYR D 98 26.43 -16.65 -3.56
CA TYR D 98 27.01 -16.25 -2.29
C TYR D 98 28.52 -16.40 -2.35
N CYS D 99 29.24 -15.51 -1.67
CA CYS D 99 30.67 -15.65 -1.45
C CYS D 99 30.92 -15.97 0.02
N ALA D 100 32.03 -16.65 0.29
CA ALA D 100 32.30 -17.16 1.63
C ALA D 100 33.80 -17.15 1.91
N ALA D 101 34.15 -17.12 3.19
CA ALA D 101 35.53 -17.05 3.62
C ALA D 101 35.79 -18.01 4.77
N ALA D 102 37.02 -18.51 4.86
CA ALA D 102 37.43 -19.37 5.96
C ALA D 102 38.93 -19.23 6.19
N TYR D 103 39.35 -19.43 7.44
CA TYR D 103 40.78 -19.37 7.76
C TYR D 103 41.49 -20.68 7.41
N TRP D 104 40.91 -21.81 7.79
CA TRP D 104 41.49 -23.12 7.51
C TRP D 104 40.44 -23.99 6.83
N GLY D 105 40.89 -25.14 6.32
CA GLY D 105 39.99 -26.04 5.62
C GLY D 105 40.43 -27.49 5.65
N LYS D 106 39.55 -28.36 6.15
CA LYS D 106 39.83 -29.80 6.18
C LYS D 106 39.38 -30.51 4.92
N GLN D 107 38.57 -29.86 4.10
CA GLN D 107 37.83 -30.49 3.01
C GLN D 107 38.22 -29.84 1.68
N SER D 108 37.67 -30.38 0.60
CA SER D 108 37.76 -29.71 -0.69
C SER D 108 37.27 -28.27 -0.53
N PRO D 109 37.96 -27.29 -1.11
CA PRO D 109 37.53 -25.89 -0.97
C PRO D 109 36.19 -25.59 -1.61
N LEU D 110 35.61 -26.53 -2.37
CA LEU D 110 34.32 -26.30 -2.99
C LEU D 110 33.15 -26.78 -2.13
N ILE D 111 33.42 -27.34 -0.95
CA ILE D 111 32.35 -27.76 -0.04
C ILE D 111 31.98 -26.59 0.86
N SER D 112 30.67 -26.35 1.01
CA SER D 112 30.19 -25.13 1.65
C SER D 112 30.21 -25.19 3.18
N TRP D 113 30.02 -26.37 3.78
CA TRP D 113 30.07 -26.46 5.23
C TRP D 113 31.42 -26.03 5.80
N ASP D 114 32.44 -25.99 4.95
CA ASP D 114 33.77 -25.56 5.36
C ASP D 114 33.76 -24.14 5.92
N TYR D 115 32.99 -23.25 5.31
CA TYR D 115 33.21 -21.81 5.43
C TYR D 115 32.40 -21.19 6.57
N SER D 116 33.06 -20.31 7.32
CA SER D 116 32.47 -19.68 8.49
C SER D 116 31.75 -18.38 8.20
N TYR D 117 32.12 -17.68 7.13
CA TYR D 117 31.57 -16.38 6.83
C TYR D 117 30.87 -16.39 5.47
N TRP D 118 29.83 -15.58 5.34
CA TRP D 118 28.96 -15.65 4.17
C TRP D 118 28.44 -14.26 3.82
N GLY D 119 28.05 -14.11 2.56
CA GLY D 119 27.53 -12.88 2.02
C GLY D 119 26.02 -12.88 1.95
N GLN D 120 25.49 -11.92 1.18
CA GLN D 120 24.05 -11.65 1.21
C GLN D 120 23.25 -12.53 0.26
N GLY D 121 23.83 -12.91 -0.88
CA GLY D 121 23.12 -13.71 -1.85
C GLY D 121 22.34 -12.88 -2.85
N THR D 122 22.91 -12.69 -4.04
CA THR D 122 22.32 -11.87 -5.09
C THR D 122 21.84 -12.75 -6.23
N GLN D 123 20.77 -12.29 -6.89
CA GLN D 123 20.08 -13.08 -7.91
C GLN D 123 20.65 -12.74 -9.28
N VAL D 124 21.68 -13.49 -9.70
CA VAL D 124 22.05 -13.50 -11.10
C VAL D 124 20.92 -14.13 -11.89
N THR D 125 20.47 -13.47 -12.94
CA THR D 125 19.41 -14.01 -13.79
C THR D 125 19.86 -13.96 -15.24
N VAL D 126 19.71 -15.08 -15.93
CA VAL D 126 20.16 -15.26 -17.31
C VAL D 126 19.00 -15.83 -18.09
N SER D 127 18.49 -15.07 -19.04
CA SER D 127 17.31 -15.45 -19.82
C SER D 127 17.71 -15.88 -21.22
N ALA D 128 16.95 -16.83 -21.77
CA ALA D 128 17.18 -17.28 -23.15
C ALA D 128 16.48 -16.35 -24.13
#